data_2OJY
#
_entry.id   2OJY
#
_cell.length_a   70.890
_cell.length_b   88.810
_cell.length_c   80.390
_cell.angle_alpha   90.00
_cell.angle_beta   90.62
_cell.angle_gamma   90.00
#
_symmetry.space_group_name_H-M   'P 1 21 1'
#
loop_
_entity.id
_entity.type
_entity.pdbx_description
1 polymer 'Aromatic amine dehydrogenase, small subunit'
2 polymer 'Aromatic amine dehydrogenase, large subunit'
3 non-polymer 2-(1H-INDOL-3-YL)ACETAMIDE
4 water water
#
loop_
_entity_poly.entity_id
_entity_poly.type
_entity_poly.pdbx_seq_one_letter_code
_entity_poly.pdbx_strand_id
1 'polypeptide(L)'
;AGGGGSSSGADHISLNPDLANEDEVNSCDYWRHCAVDGFLCSCCGGTTTTCPPGSTPSPIS(TRQ)IGTCHNPHDGKDYL
ISYHDCCGKTACGRCQCNTQTRERPGYEFFLHNDVNWCMANENSTFHCTTSVLVGLA
;
D,H
2 'polypeptide(L)'
;PREVLTGGHSVSAPQENRIYVMDSVFMHLTESRVHVYDYTNGKFLGMVPTAFNGHVQVSNDGKKIYTMTTYHERITRGKR
SDVVEVWDADKLTFEKEISLPPKRVQGLNYDGLFRQTTDGKFIVLQNASPATSIGIVDVAKGDYVEDVTAAAGCWSVIPQ
PNRPRSFMTICGDGGLLTINLGEDGKVASQSRSKQMFSVKDDPIFIAPALDKDKAHFVSYYGNVYSADFSGDEVKVDGPW
SLLNDEDKAKNWVPGGYNLVGLHRASGRMYVFMHPDGKEGTHKFPAAEIWVMDTKTKQRVARIPGRDALSMTIDQQRNLM
LTLDGGNVNVYDISQPEPKLLRTIEGAAEASLQVQFHPVGGT
;
A,B
#
loop_
_chem_comp.id
_chem_comp.type
_chem_comp.name
_chem_comp.formula
TSR non-polymer 2-(1H-INDOL-3-YL)ACETAMIDE 'C10 H10 N2 O'
#
# COMPACT_ATOMS: atom_id res chain seq x y z
N GLU A 24 17.32 22.50 1.00
CA GLU A 24 18.11 22.27 2.26
C GLU A 24 17.22 21.66 3.36
N VAL A 25 16.09 22.27 3.66
CA VAL A 25 15.19 21.78 4.72
C VAL A 25 14.51 20.44 4.36
N ASN A 26 14.47 20.12 3.06
CA ASN A 26 13.87 18.89 2.58
C ASN A 26 14.89 17.76 2.47
N SER A 27 16.08 17.98 3.03
CA SER A 27 17.16 17.01 3.01
C SER A 27 17.27 16.43 4.41
N CYS A 28 17.49 15.12 4.48
CA CYS A 28 17.60 14.40 5.77
C CYS A 28 18.79 14.88 6.60
N ASP A 29 19.80 15.46 5.94
CA ASP A 29 20.97 16.02 6.63
C ASP A 29 20.81 17.42 7.21
N TYR A 30 19.68 18.09 6.93
CA TYR A 30 19.38 19.37 7.58
C TYR A 30 19.47 19.22 9.09
N TRP A 31 20.07 20.21 9.74
CA TRP A 31 20.54 20.01 11.08
C TRP A 31 19.40 19.72 12.06
N ARG A 32 18.21 20.28 11.82
CA ARG A 32 17.08 20.16 12.74
C ARG A 32 16.50 18.74 12.72
N HIS A 33 16.83 17.98 11.69
CA HIS A 33 16.18 16.68 11.44
C HIS A 33 16.96 15.49 12.05
N CYS A 34 17.73 15.75 13.09
CA CYS A 34 18.73 14.81 13.54
C CYS A 34 18.14 13.56 14.19
N ALA A 35 16.87 13.57 14.59
CA ALA A 35 16.23 12.31 15.06
C ALA A 35 14.89 12.05 14.34
N VAL A 36 14.77 12.43 13.08
CA VAL A 36 13.56 12.11 12.30
C VAL A 36 13.57 10.67 11.79
N ASP A 37 12.51 9.92 12.11
CA ASP A 37 12.29 8.58 11.55
C ASP A 37 10.91 8.74 10.92
N GLY A 38 10.84 8.97 9.62
CA GLY A 38 9.54 9.31 8.98
C GLY A 38 9.69 10.08 7.70
N PHE A 39 8.62 10.74 7.26
CA PHE A 39 8.65 11.51 6.01
C PHE A 39 8.64 12.97 6.43
N LEU A 40 9.52 13.78 5.84
CA LEU A 40 9.52 15.19 6.24
C LEU A 40 8.24 15.92 5.79
N CYS A 41 7.50 16.54 6.72
CA CYS A 41 6.28 17.25 6.30
C CYS A 41 6.54 18.37 5.29
N SER A 42 7.75 18.93 5.29
CA SER A 42 8.04 20.03 4.36
C SER A 42 8.06 19.55 2.90
N CYS A 43 8.17 18.23 2.71
CA CYS A 43 8.08 17.65 1.36
C CYS A 43 6.63 17.20 1.01
N CYS A 44 5.72 17.36 1.96
CA CYS A 44 4.37 16.78 1.87
C CYS A 44 3.27 17.84 1.74
N GLY A 45 3.64 19.07 1.37
CA GLY A 45 2.69 20.13 1.27
C GLY A 45 2.52 20.97 2.54
N GLY A 46 3.38 20.69 3.52
CA GLY A 46 3.43 21.40 4.77
C GLY A 46 4.77 22.13 4.87
N THR A 47 5.12 22.54 6.07
CA THR A 47 6.45 23.12 6.33
C THR A 47 7.03 22.49 7.59
N THR A 48 8.22 22.93 8.03
CA THR A 48 8.80 22.31 9.20
C THR A 48 7.86 22.42 10.40
N THR A 49 7.02 23.45 10.42
CA THR A 49 6.17 23.77 11.60
C THR A 49 4.67 23.95 11.26
N THR A 50 4.26 23.45 10.09
CA THR A 50 2.85 23.40 9.78
C THR A 50 2.52 22.04 9.14
N CYS A 51 1.42 21.44 9.55
CA CYS A 51 1.01 20.21 8.93
C CYS A 51 0.46 20.44 7.52
N PRO A 52 0.73 19.47 6.60
CA PRO A 52 0.01 19.58 5.31
C PRO A 52 -1.49 19.72 5.53
N PRO A 53 -2.20 20.36 4.59
CA PRO A 53 -3.61 20.55 4.72
C PRO A 53 -4.33 19.24 5.03
N GLY A 54 -5.20 19.29 6.03
CA GLY A 54 -6.04 18.16 6.34
C GLY A 54 -5.41 17.07 7.17
N SER A 55 -4.17 17.31 7.60
CA SER A 55 -3.55 16.44 8.62
C SER A 55 -3.37 17.16 9.93
N THR A 56 -3.39 16.39 11.02
CA THR A 56 -3.66 16.92 12.33
C THR A 56 -2.37 16.78 13.17
N PRO A 57 -1.94 17.86 13.83
CA PRO A 57 -0.73 17.76 14.65
C PRO A 57 -0.90 16.78 15.81
N SER A 58 0.17 16.07 16.17
CA SER A 58 0.12 15.25 17.39
C SER A 58 0.42 16.15 18.60
N PRO A 59 -0.36 15.99 19.67
CA PRO A 59 -0.07 16.76 20.88
C PRO A 59 1.14 16.26 21.65
N ILE A 60 1.63 15.10 21.25
CA ILE A 60 2.77 14.47 21.91
C ILE A 60 3.83 14.23 20.86
N SER A 61 5.05 13.93 21.29
CA SER A 61 6.14 13.73 20.31
C SER A 61 7.35 13.15 20.98
N TRQ A 62 8.25 12.59 20.19
CA TRQ A 62 9.59 12.42 20.68
C TRQ A 62 10.36 13.72 20.54
O TRQ A 62 9.99 14.58 19.77
CB TRQ A 62 10.29 11.28 20.04
CB TRQ A 62 10.29 11.23 20.03
CG TRQ A 62 10.53 11.05 18.53
CG TRQ A 62 10.45 11.24 18.53
CD1 TRQ A 62 11.65 11.41 17.83
CD1 TRQ A 62 11.50 11.76 17.84
NE1 TRQ A 62 11.54 11.07 16.52
NE1 TRQ A 62 11.31 11.61 16.51
CE2 TRQ A 62 10.33 10.45 16.30
CE2 TRQ A 62 10.12 10.97 16.27
CZ2 TRQ A 62 9.81 9.94 15.12
CZ2 TRQ A 62 9.56 10.61 15.05
CH2 TRQ A 62 8.59 9.39 15.17
CH2 TRQ A 62 8.33 9.97 15.01
CZ3 TRQ A 62 7.86 9.32 16.36
CZ3 TRQ A 62 7.73 9.72 16.28
CE3 TRQ A 62 8.34 9.84 17.62
CE3 TRQ A 62 8.28 10.07 17.59
CD2 TRQ A 62 9.65 10.42 17.54
CD2 TRQ A 62 9.53 10.71 17.52
O7 TRQ A 62 10.43 9.95 13.91
O7 TRQ A 62 10.17 10.88 13.90
N ILE A 63 11.44 13.84 21.30
CA ILE A 63 12.28 15.04 21.25
C ILE A 63 13.71 14.63 20.92
N GLY A 64 14.45 15.53 20.27
CA GLY A 64 15.88 15.34 20.03
C GLY A 64 16.64 16.55 20.53
N THR A 65 17.95 16.38 20.69
CA THR A 65 18.84 17.51 20.85
C THR A 65 19.67 17.45 19.60
N CYS A 66 19.69 18.55 18.83
CA CYS A 66 20.45 18.59 17.58
C CYS A 66 21.43 19.75 17.61
N HIS A 67 22.60 19.51 17.00
CA HIS A 67 23.64 20.52 16.95
C HIS A 67 23.46 21.47 15.75
N ASN A 68 23.50 22.78 16.00
CA ASN A 68 23.39 23.79 14.96
C ASN A 68 24.79 24.11 14.45
N PRO A 69 25.05 23.84 13.17
CA PRO A 69 26.39 24.03 12.60
C PRO A 69 26.77 25.47 12.34
N HIS A 70 25.82 26.38 12.53
CA HIS A 70 26.04 27.80 12.30
C HIS A 70 26.49 28.51 13.54
N ASP A 71 25.69 28.43 14.60
CA ASP A 71 26.06 29.08 15.85
C ASP A 71 26.76 28.14 16.84
N GLY A 72 26.86 26.87 16.49
CA GLY A 72 27.53 25.87 17.32
C GLY A 72 26.85 25.51 18.63
N LYS A 73 25.60 25.94 18.78
CA LYS A 73 24.81 25.60 19.98
C LYS A 73 23.93 24.39 19.72
N ASP A 74 23.46 23.74 20.79
CA ASP A 74 22.60 22.55 20.67
C ASP A 74 21.19 22.99 21.00
N TYR A 75 20.20 22.48 20.26
CA TYR A 75 18.81 22.92 20.40
C TYR A 75 17.90 21.72 20.60
N LEU A 76 16.89 21.91 21.44
CA LEU A 76 15.86 20.89 21.61
C LEU A 76 14.87 20.99 20.47
N ILE A 77 14.60 19.84 19.82
CA ILE A 77 13.65 19.75 18.71
C ILE A 77 12.54 18.82 19.16
N SER A 78 11.30 19.16 18.83
CA SER A 78 10.18 18.33 19.16
C SER A 78 9.65 17.73 17.87
N TYR A 79 9.72 16.40 17.74
CA TYR A 79 9.35 15.70 16.52
C TYR A 79 7.89 15.34 16.54
N HIS A 80 7.04 16.36 16.47
CA HIS A 80 5.61 16.12 16.33
C HIS A 80 5.27 15.51 14.98
N ASP A 81 4.29 14.61 14.95
CA ASP A 81 3.83 14.07 13.68
C ASP A 81 2.60 14.87 13.23
N CYS A 82 2.30 14.74 11.94
CA CYS A 82 0.99 15.13 11.37
C CYS A 82 0.24 13.84 11.04
N CYS A 83 -1.05 13.79 11.39
CA CYS A 83 -1.77 12.52 11.53
C CYS A 83 -3.16 12.57 10.83
N GLY A 84 -3.74 11.39 10.65
CA GLY A 84 -5.11 11.34 10.06
C GLY A 84 -5.19 11.38 8.55
N LYS A 85 -4.05 11.20 7.91
CA LYS A 85 -3.99 10.94 6.47
C LYS A 85 -2.94 9.84 6.27
N THR A 86 -3.08 9.09 5.19
CA THR A 86 -2.19 8.00 4.89
C THR A 86 -0.77 8.51 4.53
N ALA A 87 0.18 7.60 4.46
CA ALA A 87 1.57 7.94 4.41
C ALA A 87 1.91 8.89 3.26
N CYS A 88 2.58 10.00 3.59
CA CYS A 88 3.05 10.91 2.57
C CYS A 88 4.00 10.31 1.54
N GLY A 89 4.96 9.50 1.97
CA GLY A 89 5.82 8.73 1.06
C GLY A 89 6.98 9.51 0.46
N ARG A 90 7.17 10.76 0.87
CA ARG A 90 8.23 11.59 0.31
C ARG A 90 9.24 11.98 1.40
N CYS A 91 10.51 12.09 1.01
CA CYS A 91 11.54 12.56 1.94
C CYS A 91 11.55 11.67 3.18
N GLN A 92 11.71 10.37 2.95
CA GLN A 92 11.86 9.44 4.07
C GLN A 92 13.23 9.63 4.70
N CYS A 93 13.23 9.89 5.99
CA CYS A 93 14.49 9.94 6.77
C CYS A 93 14.49 8.93 7.92
N ASN A 94 15.69 8.51 8.32
CA ASN A 94 15.82 7.64 9.46
C ASN A 94 17.07 8.00 10.24
N THR A 95 17.10 9.20 10.82
CA THR A 95 18.29 9.68 11.53
C THR A 95 18.10 9.44 13.04
N GLN A 96 19.20 9.19 13.74
CA GLN A 96 19.13 8.59 15.05
C GLN A 96 20.01 9.27 16.11
N THR A 97 20.37 10.54 15.90
CA THR A 97 21.28 11.21 16.85
C THR A 97 20.61 11.33 18.21
N ARG A 98 21.25 10.76 19.23
CA ARG A 98 20.78 10.78 20.62
C ARG A 98 19.48 10.00 20.86
N GLU A 99 19.01 9.30 19.84
CA GLU A 99 17.80 8.47 19.97
C GLU A 99 18.05 7.27 20.86
N ARG A 100 17.06 6.91 21.67
CA ARG A 100 17.18 5.81 22.64
C ARG A 100 15.95 4.90 22.61
N PRO A 101 16.08 3.67 23.16
CA PRO A 101 14.95 2.73 23.12
C PRO A 101 13.77 3.14 23.98
N GLY A 102 12.74 2.28 23.95
CA GLY A 102 11.43 2.69 24.47
C GLY A 102 11.42 2.77 25.99
N TYR A 103 12.48 2.30 26.64
CA TYR A 103 12.63 2.50 28.10
C TYR A 103 13.04 3.93 28.45
N GLU A 104 13.38 4.74 27.43
CA GLU A 104 13.51 6.19 27.61
C GLU A 104 12.58 6.76 26.52
N PHE A 105 11.27 6.69 26.78
CA PHE A 105 10.27 6.62 25.70
C PHE A 105 10.24 7.92 24.89
N PHE A 106 10.44 9.06 25.53
CA PHE A 106 10.26 10.32 24.80
C PHE A 106 11.45 10.71 23.95
N LEU A 107 12.51 9.88 24.02
CA LEU A 107 13.66 10.00 23.12
C LEU A 107 13.62 8.99 21.99
N HIS A 108 12.54 8.20 21.92
CA HIS A 108 12.47 7.04 21.04
C HIS A 108 11.68 7.28 19.77
N ASN A 109 12.22 6.86 18.62
CA ASN A 109 11.56 7.22 17.36
C ASN A 109 11.13 6.06 16.47
N ASP A 110 11.08 4.85 17.00
CA ASP A 110 10.53 3.68 16.28
C ASP A 110 9.07 3.40 16.69
N VAL A 111 8.42 4.39 17.28
CA VAL A 111 6.98 4.32 17.49
C VAL A 111 6.25 5.46 16.77
N ASN A 112 4.95 5.31 16.62
CA ASN A 112 4.09 6.27 15.95
C ASN A 112 3.68 7.35 16.94
N TRP A 113 4.22 8.54 16.80
CA TRP A 113 3.86 9.61 17.74
C TRP A 113 2.47 10.17 17.46
N CYS A 114 1.79 9.61 16.43
CA CYS A 114 0.35 9.81 16.25
C CYS A 114 -0.53 8.89 17.15
N MET A 115 0.09 8.13 18.06
CA MET A 115 -0.62 7.01 18.68
C MET A 115 -1.77 7.48 19.57
N ALA A 116 -1.76 8.74 19.98
CA ALA A 116 -2.83 9.27 20.86
C ALA A 116 -3.81 10.23 20.13
N ASN A 117 -3.64 10.36 18.81
CA ASN A 117 -4.52 11.23 18.03
C ASN A 117 -5.86 10.56 17.81
N GLU A 118 -6.88 11.37 17.56
CA GLU A 118 -8.22 10.90 17.20
C GLU A 118 -8.16 9.87 16.07
N ASN A 119 -7.31 10.14 15.09
CA ASN A 119 -6.98 9.14 14.08
C ASN A 119 -5.48 9.00 14.01
N SER A 120 -5.02 7.79 14.29
CA SER A 120 -3.61 7.55 14.51
C SER A 120 -2.83 7.25 13.22
N THR A 121 -3.48 7.29 12.07
CA THR A 121 -2.79 7.05 10.81
C THR A 121 -1.68 8.07 10.61
N PHE A 122 -0.49 7.56 10.32
CA PHE A 122 0.72 8.40 10.24
C PHE A 122 0.91 9.01 8.87
N HIS A 123 1.03 10.34 8.83
CA HIS A 123 1.19 11.05 7.55
C HIS A 123 2.62 11.56 7.28
N CYS A 124 3.13 12.38 8.18
CA CYS A 124 4.54 12.85 8.10
C CYS A 124 5.01 13.39 9.43
N THR A 125 6.31 13.70 9.48
CA THR A 125 7.01 14.07 10.71
C THR A 125 7.53 15.49 10.54
N THR A 126 7.38 16.30 11.60
CA THR A 126 7.84 17.71 11.67
C THR A 126 9.05 17.78 12.58
N SER A 127 9.74 18.95 12.55
CA SER A 127 10.94 19.16 13.33
C SER A 127 10.81 20.53 13.98
N VAL A 128 10.10 20.60 15.09
CA VAL A 128 9.74 21.85 15.75
C VAL A 128 10.83 22.28 16.74
N LEU A 129 11.35 23.49 16.54
CA LEU A 129 12.41 24.03 17.38
C LEU A 129 11.82 24.59 18.66
N VAL A 130 12.19 24.01 19.78
CA VAL A 130 11.71 24.49 21.06
C VAL A 130 12.62 25.61 21.62
N GLY A 131 13.90 25.37 21.63
CA GLY A 131 14.85 26.38 22.07
C GLY A 131 16.17 25.77 22.42
N LEU A 132 17.02 26.57 23.04
CA LEU A 132 18.33 26.10 23.39
C LEU A 132 18.16 24.96 24.37
N ALA A 133 18.95 23.91 24.21
CA ALA A 133 18.93 22.85 25.21
C ALA A 133 19.08 23.42 26.64
N SER B 14 0.18 -29.30 -22.84
CA SER B 14 -0.20 -27.87 -23.15
C SER B 14 -1.38 -27.40 -22.30
N LEU B 15 -2.20 -28.34 -21.84
CA LEU B 15 -3.49 -28.02 -21.22
C LEU B 15 -3.49 -28.22 -19.70
N ASN B 16 -2.36 -28.67 -19.17
CA ASN B 16 -2.27 -29.13 -17.77
C ASN B 16 -1.11 -28.42 -17.08
N PRO B 17 -1.37 -27.15 -16.65
CA PRO B 17 -0.29 -26.35 -16.10
C PRO B 17 0.37 -27.01 -14.90
N ASP B 18 -0.39 -27.82 -14.15
CA ASP B 18 0.19 -28.43 -12.93
C ASP B 18 1.35 -29.39 -13.28
N LEU B 19 1.38 -29.87 -14.51
CA LEU B 19 2.45 -30.75 -14.97
C LEU B 19 3.59 -30.00 -15.66
N ALA B 20 3.43 -28.69 -15.83
CA ALA B 20 4.42 -27.88 -16.54
C ALA B 20 5.48 -27.30 -15.61
N ASN B 21 6.57 -26.82 -16.17
CA ASN B 21 7.54 -26.04 -15.40
C ASN B 21 6.87 -24.76 -14.87
N GLU B 22 7.03 -24.49 -13.58
CA GLU B 22 6.35 -23.36 -12.95
C GLU B 22 6.76 -22.04 -13.59
N ASP B 23 8.01 -21.93 -14.04
CA ASP B 23 8.52 -20.71 -14.70
C ASP B 23 7.73 -20.42 -15.95
N GLU B 24 7.29 -21.48 -16.60
CA GLU B 24 6.48 -21.37 -17.78
C GLU B 24 5.09 -20.88 -17.44
N VAL B 25 4.44 -21.48 -16.45
CA VAL B 25 3.04 -21.11 -16.17
C VAL B 25 2.98 -19.72 -15.50
N ASN B 26 4.04 -19.36 -14.78
CA ASN B 26 4.08 -18.09 -14.05
C ASN B 26 4.46 -16.88 -14.92
N SER B 27 4.55 -17.07 -16.23
CA SER B 27 4.95 -16.03 -17.16
C SER B 27 3.73 -15.44 -17.83
N CYS B 28 3.73 -14.13 -18.06
CA CYS B 28 2.59 -13.49 -18.72
C CYS B 28 2.43 -13.97 -20.17
N ASP B 29 3.49 -14.54 -20.75
CA ASP B 29 3.45 -15.08 -22.12
C ASP B 29 2.91 -16.51 -22.21
N TYR B 30 2.71 -17.20 -21.07
CA TYR B 30 2.01 -18.50 -21.11
C TYR B 30 0.72 -18.37 -21.91
N TRP B 31 0.45 -19.30 -22.84
CA TRP B 31 -0.58 -19.09 -23.85
C TRP B 31 -1.97 -18.82 -23.32
N ARG B 32 -2.32 -19.39 -22.18
CA ARG B 32 -3.68 -19.23 -21.66
C ARG B 32 -3.90 -17.93 -20.93
N HIS B 33 -2.85 -17.17 -20.66
CA HIS B 33 -2.97 -15.92 -19.91
C HIS B 33 -3.15 -14.74 -20.86
N CYS B 34 -3.91 -14.88 -21.93
CA CYS B 34 -3.80 -13.91 -23.00
C CYS B 34 -4.63 -12.64 -22.79
N ALA B 35 -5.49 -12.63 -21.76
CA ALA B 35 -6.27 -11.43 -21.41
C ALA B 35 -6.28 -11.20 -19.88
N VAL B 36 -5.13 -11.46 -19.25
CA VAL B 36 -4.95 -11.29 -17.79
C VAL B 36 -4.53 -9.87 -17.44
N ASP B 37 -5.33 -9.19 -16.62
CA ASP B 37 -4.93 -7.89 -16.02
C ASP B 37 -4.94 -8.09 -14.51
N GLY B 38 -3.77 -8.32 -13.92
CA GLY B 38 -3.67 -8.62 -12.49
C GLY B 38 -2.53 -9.59 -12.16
N PHE B 39 -2.46 -10.00 -10.91
CA PHE B 39 -1.37 -10.83 -10.38
C PHE B 39 -1.72 -12.30 -10.55
N LEU B 40 -0.83 -13.08 -11.17
CA LEU B 40 -1.17 -14.49 -11.40
C LEU B 40 -1.26 -15.24 -10.10
N CYS B 41 -2.41 -15.87 -9.82
CA CYS B 41 -2.55 -16.65 -8.59
C CYS B 41 -1.53 -17.77 -8.40
N SER B 42 -1.00 -18.32 -9.50
CA SER B 42 -0.01 -19.40 -9.40
C SER B 42 1.28 -18.89 -8.79
N CYS B 43 1.47 -17.56 -8.77
CA CYS B 43 2.67 -16.96 -8.11
C CYS B 43 2.41 -16.51 -6.66
N CYS B 44 1.17 -16.72 -6.20
CA CYS B 44 0.69 -16.13 -4.97
C CYS B 44 0.34 -17.16 -3.91
N GLY B 45 0.90 -18.36 -4.08
CA GLY B 45 0.68 -19.50 -3.16
C GLY B 45 -0.49 -20.40 -3.58
N GLY B 46 -1.04 -20.14 -4.76
CA GLY B 46 -2.06 -21.00 -5.30
C GLY B 46 -1.51 -21.68 -6.54
N THR B 47 -2.42 -22.19 -7.36
CA THR B 47 -2.06 -22.75 -8.67
C THR B 47 -3.00 -22.09 -9.69
N THR B 48 -2.83 -22.43 -10.94
CA THR B 48 -3.68 -21.90 -11.97
C THR B 48 -5.19 -22.07 -11.65
N THR B 49 -5.55 -23.15 -10.96
CA THR B 49 -6.96 -23.44 -10.73
C THR B 49 -7.32 -23.53 -9.25
N THR B 50 -6.46 -22.98 -8.37
CA THR B 50 -6.77 -23.02 -6.92
C THR B 50 -6.39 -21.69 -6.30
N CYS B 51 -7.35 -21.07 -5.62
CA CYS B 51 -6.99 -19.82 -4.94
C CYS B 51 -5.92 -20.03 -3.87
N PRO B 52 -5.06 -19.05 -3.70
CA PRO B 52 -4.16 -19.09 -2.53
C PRO B 52 -4.98 -19.31 -1.25
N PRO B 53 -4.42 -19.95 -0.23
CA PRO B 53 -5.16 -20.18 1.04
C PRO B 53 -5.81 -18.90 1.54
N GLY B 54 -7.09 -18.95 1.91
CA GLY B 54 -7.76 -17.80 2.55
C GLY B 54 -8.28 -16.76 1.59
N SER B 55 -8.22 -17.06 0.28
CA SER B 55 -8.85 -16.21 -0.73
C SER B 55 -9.90 -16.98 -1.50
N THR B 56 -10.92 -16.25 -1.92
CA THR B 56 -12.21 -16.84 -2.35
C THR B 56 -12.41 -16.64 -3.87
N PRO B 57 -12.75 -17.73 -4.61
CA PRO B 57 -12.96 -17.56 -6.07
C PRO B 57 -14.09 -16.62 -6.37
N SER B 58 -13.98 -15.87 -7.49
CA SER B 58 -15.11 -15.03 -7.91
C SER B 58 -16.10 -15.89 -8.66
N PRO B 59 -17.41 -15.67 -8.42
CA PRO B 59 -18.44 -16.41 -9.16
C PRO B 59 -18.67 -15.88 -10.60
N ILE B 60 -18.09 -14.74 -10.90
CA ILE B 60 -18.20 -14.10 -12.22
C ILE B 60 -16.76 -13.79 -12.71
N SER B 61 -16.60 -13.47 -13.99
CA SER B 61 -15.29 -13.25 -14.57
C SER B 61 -15.40 -12.61 -15.93
N TRQ B 62 -14.30 -12.04 -16.41
CA TRQ B 62 -14.23 -11.79 -17.82
C TRQ B 62 -13.85 -13.11 -18.47
O TRQ B 62 -13.35 -13.99 -17.79
CB TRQ B 62 -13.33 -10.59 -18.15
CG TRQ B 62 -11.89 -10.57 -17.70
CD1 TRQ B 62 -10.87 -11.01 -18.43
NE1 TRQ B 62 -9.70 -10.83 -17.76
CE2 TRQ B 62 -9.94 -10.26 -16.53
CZ2 TRQ B 62 -9.04 -9.90 -15.52
CH2 TRQ B 62 -9.56 -9.34 -14.40
CZ3 TRQ B 62 -10.92 -9.11 -14.26
CE3 TRQ B 62 -11.91 -9.47 -15.28
CD2 TRQ B 62 -11.33 -10.06 -16.44
O7 TRQ B 62 -7.72 -10.10 -15.64
N ILE B 63 -14.11 -13.23 -19.77
CA ILE B 63 -13.90 -14.45 -20.53
C ILE B 63 -13.29 -14.07 -21.87
N GLY B 64 -12.86 -15.06 -22.63
CA GLY B 64 -12.28 -14.83 -23.95
C GLY B 64 -11.68 -16.13 -24.43
N THR B 65 -11.05 -16.09 -25.60
CA THR B 65 -10.40 -17.29 -26.16
C THR B 65 -8.93 -16.95 -26.31
N CYS B 66 -8.08 -17.96 -26.19
CA CYS B 66 -6.65 -17.83 -26.40
C CYS B 66 -6.22 -18.98 -27.29
N HIS B 67 -5.26 -18.70 -28.15
CA HIS B 67 -4.69 -19.72 -29.03
C HIS B 67 -3.61 -20.51 -28.32
N ASN B 68 -3.66 -21.82 -28.45
CA ASN B 68 -2.64 -22.71 -27.90
C ASN B 68 -1.73 -23.10 -29.04
N PRO B 69 -0.52 -22.51 -29.10
CA PRO B 69 0.37 -22.81 -30.22
C PRO B 69 1.02 -24.16 -30.06
N HIS B 70 0.79 -24.82 -28.93
CA HIS B 70 1.37 -26.14 -28.70
C HIS B 70 0.59 -27.24 -29.38
N ASP B 71 -0.74 -27.10 -29.42
CA ASP B 71 -1.58 -28.06 -30.14
C ASP B 71 -2.34 -27.44 -31.32
N GLY B 72 -2.15 -26.15 -31.54
CA GLY B 72 -2.76 -25.44 -32.68
C GLY B 72 -4.25 -25.16 -32.59
N LYS B 73 -4.81 -25.28 -31.38
CA LYS B 73 -6.24 -25.12 -31.15
C LYS B 73 -6.52 -23.86 -30.29
N ASP B 74 -7.76 -23.39 -30.37
CA ASP B 74 -8.25 -22.23 -29.67
C ASP B 74 -9.15 -22.68 -28.52
N TYR B 75 -8.96 -22.06 -27.36
CA TYR B 75 -9.67 -22.46 -26.16
C TYR B 75 -10.38 -21.30 -25.47
N LEU B 76 -11.55 -21.60 -24.92
CA LEU B 76 -12.31 -20.65 -24.10
C LEU B 76 -11.72 -20.63 -22.70
N ILE B 77 -11.43 -19.42 -22.21
CA ILE B 77 -10.83 -19.18 -20.90
C ILE B 77 -11.76 -18.31 -20.05
N SER B 78 -11.88 -18.62 -18.74
CA SER B 78 -12.58 -17.75 -17.79
C SER B 78 -11.57 -17.19 -16.81
N TYR B 79 -11.46 -15.86 -16.77
CA TYR B 79 -10.45 -15.21 -16.00
C TYR B 79 -11.02 -14.90 -14.62
N HIS B 80 -11.17 -15.92 -13.79
CA HIS B 80 -11.73 -15.76 -12.44
C HIS B 80 -10.70 -15.10 -11.57
N ASP B 81 -11.15 -14.38 -10.55
CA ASP B 81 -10.24 -13.80 -9.54
C ASP B 81 -10.32 -14.62 -8.24
N CYS B 82 -9.31 -14.45 -7.39
CA CYS B 82 -9.42 -14.86 -6.00
C CYS B 82 -9.45 -13.57 -5.19
N CYS B 83 -10.32 -13.57 -4.18
CA CYS B 83 -10.74 -12.34 -3.54
C CYS B 83 -10.72 -12.42 -2.00
N GLY B 84 -10.83 -11.25 -1.37
CA GLY B 84 -10.93 -11.12 0.09
C GLY B 84 -9.60 -11.16 0.82
N LYS B 85 -8.53 -10.95 0.08
CA LYS B 85 -7.22 -10.65 0.64
C LYS B 85 -6.61 -9.49 -0.19
N THR B 86 -5.74 -8.72 0.44
CA THR B 86 -5.09 -7.61 -0.20
C THR B 86 -4.14 -8.12 -1.31
N ALA B 87 -3.72 -7.18 -2.14
CA ALA B 87 -3.04 -7.45 -3.39
C ALA B 87 -1.86 -8.36 -3.21
N CYS B 88 -1.84 -9.46 -3.98
CA CYS B 88 -0.73 -10.41 -3.93
C CYS B 88 0.59 -9.78 -4.33
N GLY B 89 0.57 -8.95 -5.36
CA GLY B 89 1.74 -8.15 -5.76
C GLY B 89 2.74 -8.83 -6.68
N ARG B 90 2.55 -10.12 -6.94
CA ARG B 90 3.52 -10.93 -7.69
C ARG B 90 3.02 -11.27 -9.09
N CYS B 91 3.94 -11.40 -10.05
CA CYS B 91 3.57 -11.79 -11.41
C CYS B 91 2.42 -10.94 -11.96
N GLN B 92 2.58 -9.63 -11.93
CA GLN B 92 1.56 -8.74 -12.56
C GLN B 92 1.60 -8.86 -14.06
N CYS B 93 0.44 -9.08 -14.69
CA CYS B 93 0.34 -9.14 -16.15
C CYS B 93 -0.72 -8.13 -16.57
N ASN B 94 -0.65 -7.73 -17.82
CA ASN B 94 -1.61 -6.80 -18.41
C ASN B 94 -1.80 -7.10 -19.89
N THR B 95 -2.09 -8.36 -20.21
CA THR B 95 -2.19 -8.80 -21.58
C THR B 95 -3.62 -8.55 -22.05
N GLN B 96 -3.81 -8.34 -23.35
CA GLN B 96 -5.06 -7.75 -23.82
C GLN B 96 -5.63 -8.37 -25.10
N THR B 97 -5.25 -9.61 -25.42
CA THR B 97 -5.72 -10.24 -26.66
C THR B 97 -7.24 -10.34 -26.64
N ARG B 98 -7.88 -9.69 -27.62
CA ARG B 98 -9.34 -9.71 -27.83
C ARG B 98 -10.13 -8.98 -26.73
N GLU B 99 -9.42 -8.27 -25.86
CA GLU B 99 -10.10 -7.56 -24.75
C GLU B 99 -10.80 -6.35 -25.31
N ARG B 100 -12.00 -6.07 -24.78
CA ARG B 100 -12.85 -5.00 -25.33
C ARG B 100 -13.35 -4.14 -24.17
N PRO B 101 -13.78 -2.92 -24.47
CA PRO B 101 -14.28 -2.04 -23.43
C PRO B 101 -15.57 -2.44 -22.75
N GLY B 102 -15.97 -1.60 -21.81
CA GLY B 102 -17.00 -1.98 -20.89
C GLY B 102 -18.38 -2.14 -21.51
N TYR B 103 -18.57 -1.63 -22.73
CA TYR B 103 -19.81 -1.94 -23.47
C TYR B 103 -19.90 -3.33 -24.05
N GLU B 104 -18.84 -4.09 -23.88
CA GLU B 104 -18.83 -5.55 -24.09
C GLU B 104 -18.26 -6.14 -22.79
N PHE B 105 -19.07 -6.06 -21.75
CA PHE B 105 -18.54 -6.07 -20.39
C PHE B 105 -17.83 -7.35 -20.03
N PHE B 106 -18.33 -8.49 -20.49
CA PHE B 106 -17.72 -9.74 -20.09
C PHE B 106 -16.42 -10.06 -20.81
N LEU B 107 -16.02 -9.21 -21.77
CA LEU B 107 -14.75 -9.29 -22.45
C LEU B 107 -13.72 -8.28 -21.87
N HIS B 108 -14.11 -7.53 -20.84
CA HIS B 108 -13.38 -6.35 -20.34
C HIS B 108 -12.56 -6.66 -19.11
N ASN B 109 -11.27 -6.27 -19.10
CA ASN B 109 -10.44 -6.59 -17.95
C ASN B 109 -9.90 -5.41 -17.12
N ASP B 110 -10.47 -4.21 -17.30
CA ASP B 110 -10.09 -3.06 -16.46
C ASP B 110 -11.09 -2.84 -15.33
N VAL B 111 -11.93 -3.85 -15.07
CA VAL B 111 -12.75 -3.84 -13.88
C VAL B 111 -12.37 -4.99 -12.93
N ASN B 112 -12.74 -4.82 -11.67
CA ASN B 112 -12.44 -5.77 -10.63
C ASN B 112 -13.44 -6.92 -10.67
N TRP B 113 -13.04 -8.10 -11.14
CA TRP B 113 -14.01 -9.20 -11.28
C TRP B 113 -14.33 -9.82 -9.90
N CYS B 114 -13.70 -9.32 -8.84
CA CYS B 114 -14.14 -9.60 -7.46
C CYS B 114 -15.35 -8.75 -7.03
N MET B 115 -15.91 -7.95 -7.93
CA MET B 115 -16.82 -6.86 -7.54
C MET B 115 -18.13 -7.33 -6.87
N ALA B 116 -18.49 -8.59 -7.04
CA ALA B 116 -19.75 -9.13 -6.49
C ALA B 116 -19.47 -10.16 -5.38
N ASN B 117 -18.19 -10.33 -5.02
CA ASN B 117 -17.85 -11.18 -3.87
C ASN B 117 -18.23 -10.62 -2.51
N GLU B 118 -18.28 -11.52 -1.54
CA GLU B 118 -18.59 -11.11 -0.16
C GLU B 118 -17.62 -10.03 0.28
N ASN B 119 -16.33 -10.21 -0.05
CA ASN B 119 -15.37 -9.16 0.14
C ASN B 119 -14.66 -8.94 -1.18
N SER B 120 -14.75 -7.72 -1.68
CA SER B 120 -14.35 -7.46 -3.06
C SER B 120 -12.88 -7.05 -3.20
N THR B 121 -12.13 -7.05 -2.11
CA THR B 121 -10.71 -6.79 -2.19
C THR B 121 -10.05 -7.77 -3.18
N PHE B 122 -9.30 -7.21 -4.11
CA PHE B 122 -8.71 -8.04 -5.16
C PHE B 122 -7.40 -8.65 -4.75
N HIS B 123 -7.27 -9.99 -4.81
CA HIS B 123 -6.02 -10.66 -4.41
C HIS B 123 -5.11 -11.07 -5.61
N CYS B 124 -5.68 -11.86 -6.52
CA CYS B 124 -4.98 -12.32 -7.71
C CYS B 124 -5.98 -12.79 -8.74
N THR B 125 -5.50 -12.99 -9.97
CA THR B 125 -6.35 -13.46 -11.07
C THR B 125 -5.75 -14.70 -11.68
N THR B 126 -6.57 -15.49 -12.36
N THR B 126 -6.65 -15.44 -12.32
CA THR B 126 -6.00 -16.61 -13.12
CA THR B 126 -6.49 -16.87 -12.63
C THR B 126 -6.71 -16.82 -14.46
C THR B 126 -7.07 -17.07 -14.00
N SER B 127 -6.44 -17.95 -15.08
N SER B 127 -6.64 -18.12 -14.69
CA SER B 127 -7.03 -18.29 -16.37
CA SER B 127 -7.01 -18.32 -16.08
C SER B 127 -7.49 -19.76 -16.27
C SER B 127 -7.49 -19.77 -16.27
N VAL B 128 -8.80 -19.96 -16.18
CA VAL B 128 -9.42 -21.27 -16.05
C VAL B 128 -9.85 -21.76 -17.44
N LEU B 129 -9.47 -23.00 -17.76
CA LEU B 129 -9.73 -23.56 -19.08
C LEU B 129 -11.12 -24.14 -19.09
N VAL B 130 -12.00 -23.59 -19.90
CA VAL B 130 -13.37 -24.09 -19.99
C VAL B 130 -13.42 -25.23 -21.01
N GLY B 131 -13.03 -24.94 -22.24
CA GLY B 131 -13.06 -25.95 -23.30
C GLY B 131 -12.57 -25.42 -24.63
N LEU B 132 -12.75 -26.21 -25.68
CA LEU B 132 -12.45 -25.73 -27.04
C LEU B 132 -13.38 -24.56 -27.34
N ARG C 2 10.62 30.64 19.56
CA ARG C 2 10.03 29.29 19.79
C ARG C 2 9.03 28.98 18.69
N GLU C 3 8.75 27.69 18.50
CA GLU C 3 7.87 27.28 17.41
C GLU C 3 6.73 26.41 17.93
N VAL C 4 5.60 26.49 17.23
CA VAL C 4 4.44 25.69 17.56
C VAL C 4 3.96 25.02 16.28
N LEU C 5 3.67 23.73 16.34
CA LEU C 5 3.13 23.05 15.16
C LEU C 5 1.66 23.37 15.06
N THR C 6 1.21 23.82 13.89
CA THR C 6 -0.21 24.05 13.73
C THR C 6 -0.78 23.32 12.52
N GLY C 7 -2.08 23.03 12.62
CA GLY C 7 -2.89 22.54 11.52
C GLY C 7 -3.90 23.57 11.03
N GLY C 8 -4.85 23.09 10.22
CA GLY C 8 -5.93 23.92 9.69
C GLY C 8 -5.58 24.80 8.50
N HIS C 9 -4.42 24.51 7.89
CA HIS C 9 -3.90 25.30 6.78
C HIS C 9 -4.51 24.91 5.45
N SER C 10 -4.55 25.90 4.53
CA SER C 10 -5.03 25.68 3.17
C SER C 10 -3.85 25.40 2.23
N VAL C 11 -4.13 24.85 1.06
CA VAL C 11 -3.13 24.51 0.06
C VAL C 11 -2.42 25.80 -0.32
N SER C 12 -1.10 25.71 -0.50
CA SER C 12 -0.23 26.87 -0.52
C SER C 12 -0.22 27.57 -1.86
N ALA C 13 -0.76 26.93 -2.88
CA ALA C 13 -0.77 27.47 -4.26
C ALA C 13 -2.19 27.71 -4.75
N PRO C 14 -2.36 28.69 -5.64
CA PRO C 14 -3.72 29.03 -6.08
C PRO C 14 -4.36 27.89 -6.81
N GLN C 15 -5.68 27.80 -6.74
CA GLN C 15 -6.42 26.74 -7.42
C GLN C 15 -5.96 26.50 -8.87
N GLU C 16 -5.71 27.60 -9.54
CA GLU C 16 -5.45 27.59 -10.99
C GLU C 16 -4.15 26.88 -11.32
N ASN C 17 -3.28 26.73 -10.31
CA ASN C 17 -2.03 25.95 -10.48
C ASN C 17 -2.15 24.44 -10.21
N ARG C 18 -3.31 23.98 -9.70
CA ARG C 18 -3.37 22.63 -9.13
C ARG C 18 -3.81 21.59 -10.15
N ILE C 19 -3.16 20.42 -10.05
CA ILE C 19 -3.55 19.21 -10.72
C ILE C 19 -3.71 18.04 -9.73
N TYR C 20 -4.46 17.04 -10.16
CA TYR C 20 -4.91 15.94 -9.31
C TYR C 20 -4.48 14.64 -9.96
N VAL C 21 -3.51 13.95 -9.37
CA VAL C 21 -3.02 12.68 -9.91
C VAL C 21 -3.62 11.57 -9.09
N MET C 22 -4.52 10.79 -9.68
CA MET C 22 -5.23 9.76 -8.95
C MET C 22 -4.30 8.53 -8.91
N ASP C 23 -3.68 8.27 -7.75
CA ASP C 23 -2.78 7.14 -7.63
C ASP C 23 -3.57 5.92 -7.14
N SER C 24 -3.76 4.93 -8.01
CA SER C 24 -4.44 3.71 -7.62
C SER C 24 -3.61 2.89 -6.61
N VAL C 25 -2.29 3.08 -6.65
CA VAL C 25 -1.39 2.26 -5.85
C VAL C 25 -1.84 0.79 -5.98
N PHE C 26 -1.88 0.31 -7.21
CA PHE C 26 -2.43 -1.04 -7.45
C PHE C 26 -1.72 -2.12 -6.62
N MET C 27 -0.45 -1.90 -6.30
CA MET C 27 0.26 -2.89 -5.50
C MET C 27 -0.28 -2.94 -4.07
N HIS C 28 -0.96 -1.86 -3.67
CA HIS C 28 -1.57 -1.76 -2.30
C HIS C 28 -2.86 -0.98 -2.45
N LEU C 29 -3.75 -1.58 -3.24
CA LEU C 29 -4.92 -0.87 -3.78
C LEU C 29 -5.89 -0.39 -2.69
N THR C 30 -5.75 -0.89 -1.47
CA THR C 30 -6.59 -0.37 -0.38
C THR C 30 -6.10 0.96 0.18
N GLU C 31 -4.95 1.45 -0.27
CA GLU C 31 -4.44 2.74 0.14
C GLU C 31 -4.24 3.65 -1.09
N SER C 32 -5.16 3.57 -2.05
CA SER C 32 -5.17 4.51 -3.14
C SER C 32 -5.34 5.93 -2.61
N ARG C 33 -4.95 6.91 -3.40
CA ARG C 33 -5.03 8.32 -2.95
C ARG C 33 -4.89 9.26 -4.10
N VAL C 34 -5.34 10.49 -3.88
CA VAL C 34 -5.16 11.58 -4.85
C VAL C 34 -3.96 12.40 -4.40
N HIS C 35 -2.97 12.61 -5.29
CA HIS C 35 -1.87 13.52 -5.05
C HIS C 35 -2.12 14.86 -5.73
N VAL C 36 -1.94 15.95 -5.00
CA VAL C 36 -2.22 17.28 -5.52
C VAL C 36 -0.88 17.94 -5.80
N TYR C 37 -0.66 18.38 -7.05
CA TYR C 37 0.60 19.04 -7.45
C TYR C 37 0.34 20.41 -8.03
N ASP C 38 1.38 21.26 -7.99
CA ASP C 38 1.39 22.52 -8.69
C ASP C 38 2.06 22.24 -10.06
N TYR C 39 1.32 22.38 -11.17
CA TYR C 39 1.91 22.03 -12.48
C TYR C 39 2.99 23.03 -12.92
N THR C 40 3.00 24.21 -12.32
CA THR C 40 3.93 25.24 -12.73
C THR C 40 5.35 24.98 -12.26
N ASN C 41 5.50 24.23 -11.17
CA ASN C 41 6.83 24.00 -10.60
C ASN C 41 7.06 22.57 -10.06
N GLY C 42 6.06 21.71 -10.19
CA GLY C 42 6.18 20.32 -9.76
C GLY C 42 6.07 20.09 -8.26
N LYS C 43 5.71 21.11 -7.51
CA LYS C 43 5.65 21.00 -6.06
C LYS C 43 4.45 20.17 -5.61
N PHE C 44 4.69 19.27 -4.65
CA PHE C 44 3.64 18.47 -4.03
C PHE C 44 2.93 19.37 -3.02
N LEU C 45 1.62 19.52 -3.17
CA LEU C 45 0.79 20.41 -2.34
C LEU C 45 -0.05 19.70 -1.28
N GLY C 46 -0.33 18.41 -1.46
CA GLY C 46 -1.16 17.73 -0.48
C GLY C 46 -1.73 16.49 -1.07
N MET C 47 -2.64 15.85 -0.35
CA MET C 47 -3.25 14.60 -0.86
C MET C 47 -4.56 14.30 -0.14
N VAL C 48 -5.39 13.45 -0.76
CA VAL C 48 -6.64 12.99 -0.21
C VAL C 48 -6.65 11.47 -0.23
N PRO C 49 -6.79 10.84 0.94
CA PRO C 49 -6.82 9.37 0.96
C PRO C 49 -8.14 8.86 0.38
N THR C 50 -8.07 7.74 -0.39
CA THR C 50 -9.26 7.20 -1.05
C THR C 50 -9.45 5.69 -0.94
N ALA C 51 -8.86 5.08 0.11
CA ALA C 51 -9.12 3.69 0.47
C ALA C 51 -9.03 2.77 -0.75
N PHE C 52 -10.02 1.89 -0.98
CA PHE C 52 -9.83 0.87 -2.00
C PHE C 52 -10.22 1.38 -3.39
N ASN C 53 -9.29 1.44 -4.31
CA ASN C 53 -9.60 1.81 -5.72
C ASN C 53 -10.47 3.08 -5.78
N GLY C 54 -9.99 4.14 -5.20
CA GLY C 54 -10.74 5.41 -5.22
C GLY C 54 -10.82 5.98 -6.63
N HIS C 55 -11.89 6.74 -6.88
CA HIS C 55 -12.02 7.60 -8.07
C HIS C 55 -12.18 9.02 -7.58
N VAL C 56 -11.90 9.98 -8.45
CA VAL C 56 -11.88 11.38 -7.99
C VAL C 56 -12.29 12.32 -9.10
N GLN C 57 -12.89 13.45 -8.72
CA GLN C 57 -13.11 14.58 -9.59
C GLN C 57 -13.16 15.85 -8.74
N VAL C 58 -12.99 16.99 -9.39
CA VAL C 58 -13.16 18.25 -8.69
C VAL C 58 -14.48 18.87 -9.12
N SER C 59 -15.19 19.47 -8.18
CA SER C 59 -16.42 20.15 -8.55
C SER C 59 -16.19 21.19 -9.65
N ASN C 60 -17.15 21.30 -10.56
CA ASN C 60 -17.04 22.26 -11.64
C ASN C 60 -16.80 23.69 -11.17
N ASP C 61 -17.37 24.06 -10.02
CA ASP C 61 -17.14 25.39 -9.48
C ASP C 61 -15.78 25.52 -8.75
N GLY C 62 -15.02 24.44 -8.71
CA GLY C 62 -13.69 24.44 -8.12
C GLY C 62 -13.62 24.45 -6.61
N LYS C 63 -14.75 24.41 -5.92
CA LYS C 63 -14.77 24.50 -4.44
C LYS C 63 -14.50 23.21 -3.68
N LYS C 64 -14.84 22.06 -4.27
CA LYS C 64 -14.86 20.81 -3.52
C LYS C 64 -14.17 19.73 -4.35
N ILE C 65 -13.69 18.71 -3.66
CA ILE C 65 -13.17 17.52 -4.30
C ILE C 65 -14.18 16.42 -3.96
N TYR C 66 -14.50 15.60 -4.96
CA TYR C 66 -15.36 14.45 -4.75
C TYR C 66 -14.56 13.20 -4.96
N THR C 67 -14.69 12.25 -4.04
CA THR C 67 -14.10 10.93 -4.19
C THR C 67 -15.21 9.88 -4.19
N MET C 68 -14.91 8.72 -4.75
CA MET C 68 -15.81 7.57 -4.71
C MET C 68 -14.94 6.41 -4.30
N THR C 69 -15.39 5.68 -3.27
CA THR C 69 -14.57 4.58 -2.80
C THR C 69 -15.43 3.53 -2.14
N THR C 70 -14.76 2.46 -1.67
CA THR C 70 -15.40 1.33 -1.01
C THR C 70 -14.61 1.08 0.29
N TYR C 71 -15.36 0.94 1.40
CA TYR C 71 -14.82 0.55 2.70
C TYR C 71 -15.44 -0.78 3.10
N HIS C 72 -14.76 -1.51 4.01
CA HIS C 72 -15.37 -2.61 4.75
C HIS C 72 -15.00 -2.44 6.20
N GLU C 73 -15.87 -2.92 7.09
CA GLU C 73 -15.64 -2.80 8.51
C GLU C 73 -14.26 -3.25 8.95
N ARG C 74 -13.76 -4.31 8.33
CA ARG C 74 -12.45 -4.81 8.65
C ARG C 74 -11.61 -5.01 7.36
N ILE C 75 -11.91 -4.16 6.37
CA ILE C 75 -11.17 -4.03 5.10
C ILE C 75 -11.41 -5.24 4.20
N THR C 76 -10.92 -6.40 4.63
CA THR C 76 -10.97 -7.64 3.84
C THR C 76 -12.12 -8.56 4.33
N ARG C 77 -12.87 -8.08 5.30
CA ARG C 77 -14.07 -8.74 5.75
C ARG C 77 -15.00 -7.72 6.42
N GLY C 78 -16.23 -8.12 6.65
CA GLY C 78 -17.21 -7.23 7.29
C GLY C 78 -18.05 -6.49 6.24
N LYS C 79 -18.98 -5.67 6.70
CA LYS C 79 -19.92 -5.00 5.82
C LYS C 79 -19.28 -3.96 4.90
N ARG C 80 -19.72 -3.98 3.65
CA ARG C 80 -19.25 -3.07 2.62
C ARG C 80 -20.04 -1.77 2.72
N SER C 81 -19.34 -0.66 2.52
CA SER C 81 -19.90 0.66 2.33
C SER C 81 -19.28 1.33 1.11
N ASP C 82 -20.05 1.41 0.03
CA ASP C 82 -19.68 2.26 -1.11
C ASP C 82 -20.15 3.67 -0.84
N VAL C 83 -19.28 4.66 -1.04
CA VAL C 83 -19.64 6.04 -0.76
C VAL C 83 -19.07 7.00 -1.81
N VAL C 84 -19.69 8.19 -1.84
CA VAL C 84 -19.10 9.38 -2.39
C VAL C 84 -18.77 10.26 -1.19
N GLU C 85 -17.57 10.89 -1.22
CA GLU C 85 -17.19 11.79 -0.16
C GLU C 85 -16.97 13.15 -0.76
N VAL C 86 -17.42 14.16 -0.02
CA VAL C 86 -17.21 15.56 -0.40
C VAL C 86 -16.13 16.10 0.53
N TRP C 87 -15.09 16.68 -0.08
CA TRP C 87 -13.94 17.24 0.59
C TRP C 87 -13.77 18.72 0.24
N ASP C 88 -13.24 19.51 1.15
CA ASP C 88 -12.99 20.91 0.81
C ASP C 88 -11.74 20.98 -0.04
N ALA C 89 -11.82 21.73 -1.12
CA ALA C 89 -10.77 21.74 -2.10
C ALA C 89 -9.54 22.46 -1.57
N ASP C 90 -9.73 23.46 -0.73
CA ASP C 90 -8.62 24.26 -0.22
C ASP C 90 -7.99 23.73 1.09
N LYS C 91 -8.82 23.21 1.99
CA LYS C 91 -8.33 22.62 3.25
C LYS C 91 -7.96 21.14 3.14
N LEU C 92 -8.42 20.49 2.07
CA LEU C 92 -8.22 19.07 1.83
C LEU C 92 -8.71 18.26 3.02
N THR C 93 -9.89 18.66 3.49
CA THR C 93 -10.55 18.01 4.64
C THR C 93 -11.85 17.36 4.26
N PHE C 94 -12.16 16.25 4.91
CA PHE C 94 -13.42 15.59 4.71
C PHE C 94 -14.61 16.38 5.26
N GLU C 95 -15.66 16.50 4.45
CA GLU C 95 -16.91 17.17 4.87
C GLU C 95 -18.16 16.31 5.03
N LYS C 96 -18.41 15.45 4.06
CA LYS C 96 -19.65 14.69 3.98
C LYS C 96 -19.47 13.37 3.30
N GLU C 97 -20.13 12.34 3.83
CA GLU C 97 -20.25 11.03 3.19
C GLU C 97 -21.67 10.85 2.63
N ILE C 98 -21.76 10.37 1.38
CA ILE C 98 -23.02 10.10 0.72
C ILE C 98 -23.09 8.60 0.46
N SER C 99 -24.10 7.93 1.02
CA SER C 99 -24.20 6.49 0.87
C SER C 99 -24.62 6.12 -0.54
N LEU C 100 -23.92 5.17 -1.13
CA LEU C 100 -24.30 4.55 -2.37
C LEU C 100 -24.75 3.08 -2.19
N PRO C 101 -25.56 2.57 -3.14
CA PRO C 101 -25.83 1.13 -3.11
C PRO C 101 -24.48 0.44 -3.37
N PRO C 102 -24.28 -0.78 -2.85
CA PRO C 102 -22.96 -1.49 -2.94
C PRO C 102 -22.66 -2.12 -4.31
N LYS C 103 -22.60 -1.24 -5.31
CA LYS C 103 -22.36 -1.63 -6.70
C LYS C 103 -21.55 -0.57 -7.47
N ARG C 104 -20.94 0.38 -6.78
CA ARG C 104 -20.15 1.40 -7.51
C ARG C 104 -19.05 0.67 -8.29
N VAL C 105 -18.71 1.18 -9.46
CA VAL C 105 -17.72 0.50 -10.32
C VAL C 105 -16.38 0.45 -9.62
N GLN C 106 -15.84 -0.74 -9.53
CA GLN C 106 -14.46 -0.94 -9.10
C GLN C 106 -13.68 -1.26 -10.38
N GLY C 107 -12.81 -0.36 -10.77
CA GLY C 107 -11.99 -0.51 -11.94
C GLY C 107 -11.07 0.68 -12.17
N LEU C 108 -10.30 0.61 -13.25
CA LEU C 108 -9.28 1.60 -13.54
C LEU C 108 -9.93 2.93 -13.81
N ASN C 109 -9.14 3.98 -13.62
CA ASN C 109 -9.65 5.32 -13.50
C ASN C 109 -9.88 6.05 -14.84
N TYR C 110 -10.74 5.53 -15.68
CA TYR C 110 -11.19 6.29 -16.84
C TYR C 110 -12.08 7.46 -16.35
N ASP C 111 -12.00 8.63 -17.00
CA ASP C 111 -12.75 9.81 -16.55
C ASP C 111 -14.24 9.45 -16.47
N GLY C 112 -14.68 8.67 -17.42
CA GLY C 112 -16.14 8.48 -17.63
C GLY C 112 -16.84 7.61 -16.59
N LEU C 113 -16.10 7.13 -15.60
CA LEU C 113 -16.75 6.30 -14.57
C LEU C 113 -17.25 7.12 -13.41
N PHE C 114 -16.83 8.39 -13.33
CA PHE C 114 -17.19 9.24 -12.17
C PHE C 114 -17.15 10.66 -12.67
N ARG C 115 -18.33 11.23 -12.95
CA ARG C 115 -18.46 12.54 -13.61
C ARG C 115 -19.52 13.39 -12.92
N GLN C 116 -19.87 14.53 -13.52
CA GLN C 116 -20.90 15.39 -12.94
C GLN C 116 -21.62 16.11 -14.06
N THR C 117 -22.80 16.62 -13.78
CA THR C 117 -23.50 17.42 -14.75
C THR C 117 -22.79 18.78 -14.96
N THR C 118 -23.02 19.39 -16.12
CA THR C 118 -22.32 20.64 -16.42
C THR C 118 -22.58 21.67 -15.34
N ASP C 119 -23.82 21.75 -14.85
CA ASP C 119 -24.16 22.70 -13.79
C ASP C 119 -23.58 22.34 -12.39
N GLY C 120 -22.97 21.17 -12.27
CA GLY C 120 -22.31 20.74 -11.03
C GLY C 120 -23.25 20.29 -9.92
N LYS C 121 -24.55 20.36 -10.17
CA LYS C 121 -25.48 20.00 -9.09
C LYS C 121 -25.60 18.48 -8.85
N PHE C 122 -25.25 17.68 -9.84
CA PHE C 122 -25.38 16.24 -9.72
C PHE C 122 -24.12 15.52 -10.14
N ILE C 123 -23.76 14.54 -9.30
CA ILE C 123 -22.70 13.59 -9.58
C ILE C 123 -23.31 12.37 -10.31
N VAL C 124 -22.62 11.90 -11.36
CA VAL C 124 -23.16 10.85 -12.22
C VAL C 124 -22.07 9.81 -12.29
N LEU C 125 -22.38 8.59 -11.85
CA LEU C 125 -21.35 7.57 -11.67
C LEU C 125 -21.79 6.23 -12.22
N GLN C 126 -20.80 5.43 -12.61
CA GLN C 126 -21.07 4.12 -13.19
C GLN C 126 -21.15 3.03 -12.11
N ASN C 127 -22.18 2.18 -12.20
CA ASN C 127 -22.38 1.02 -11.32
C ASN C 127 -22.15 -0.24 -12.15
N ALA C 128 -21.69 -1.28 -11.48
CA ALA C 128 -21.60 -2.62 -12.05
C ALA C 128 -21.78 -3.65 -10.92
N SER C 129 -22.77 -4.55 -11.09
CA SER C 129 -23.13 -5.52 -10.05
C SER C 129 -22.95 -7.03 -10.32
N PRO C 130 -22.55 -7.46 -11.51
CA PRO C 130 -22.00 -6.82 -12.71
C PRO C 130 -22.97 -6.15 -13.69
N ALA C 131 -24.27 -6.26 -13.48
CA ALA C 131 -25.24 -5.56 -14.31
C ALA C 131 -24.92 -4.11 -14.19
N THR C 132 -24.95 -3.39 -15.31
CA THR C 132 -24.62 -1.96 -15.29
C THR C 132 -25.85 -1.04 -15.19
N SER C 133 -25.65 0.08 -14.48
CA SER C 133 -26.61 1.17 -14.40
C SER C 133 -25.82 2.42 -14.05
N ILE C 134 -26.46 3.58 -14.18
CA ILE C 134 -25.81 4.82 -13.83
C ILE C 134 -26.48 5.41 -12.57
N GLY C 135 -25.66 5.81 -11.59
CA GLY C 135 -26.19 6.35 -10.34
C GLY C 135 -26.10 7.86 -10.34
N ILE C 136 -27.12 8.49 -9.75
CA ILE C 136 -27.18 9.94 -9.65
C ILE C 136 -27.17 10.36 -8.20
N VAL C 137 -26.21 11.22 -7.83
CA VAL C 137 -26.10 11.75 -6.50
C VAL C 137 -26.37 13.26 -6.52
N ASP C 138 -27.28 13.71 -5.65
CA ASP C 138 -27.61 15.12 -5.48
C ASP C 138 -26.61 15.62 -4.46
N VAL C 139 -25.75 16.51 -4.92
CA VAL C 139 -24.66 17.03 -4.09
C VAL C 139 -25.20 17.84 -2.92
N ALA C 140 -26.10 18.78 -3.22
CA ALA C 140 -26.70 19.61 -2.15
C ALA C 140 -27.38 18.76 -1.09
N LYS C 141 -28.22 17.81 -1.49
CA LYS C 141 -28.94 16.97 -0.54
C LYS C 141 -28.07 15.88 0.10
N GLY C 142 -26.89 15.61 -0.50
CA GLY C 142 -26.04 14.52 0.00
C GLY C 142 -26.73 13.17 -0.08
N ASP C 143 -27.49 12.96 -1.16
CA ASP C 143 -28.27 11.73 -1.36
C ASP C 143 -28.12 11.09 -2.75
N TYR C 144 -28.15 9.76 -2.77
CA TYR C 144 -28.31 8.99 -3.99
C TYR C 144 -29.79 9.00 -4.39
N VAL C 145 -30.11 9.65 -5.50
CA VAL C 145 -31.51 9.97 -5.83
C VAL C 145 -32.08 9.31 -7.04
N GLU C 146 -31.26 8.63 -7.86
CA GLU C 146 -31.78 8.00 -9.08
C GLU C 146 -30.82 6.93 -9.54
N ASP C 147 -31.37 5.94 -10.20
CA ASP C 147 -30.62 4.80 -10.67
C ASP C 147 -31.11 4.49 -12.07
N VAL C 148 -30.27 4.75 -13.06
CA VAL C 148 -30.71 4.74 -14.45
C VAL C 148 -30.54 3.35 -15.04
N THR C 149 -31.55 2.51 -14.82
CA THR C 149 -31.58 1.18 -15.39
C THR C 149 -31.75 1.18 -16.91
N ALA C 150 -32.24 2.29 -17.47
CA ALA C 150 -32.27 2.46 -18.93
C ALA C 150 -30.85 2.21 -19.54
N ALA C 151 -29.82 2.43 -18.72
CA ALA C 151 -28.42 2.31 -19.18
C ALA C 151 -27.82 0.89 -19.09
N ALA C 152 -28.65 -0.11 -18.75
CA ALA C 152 -28.17 -1.50 -18.66
C ALA C 152 -27.51 -1.87 -19.98
N GLY C 153 -26.32 -2.45 -19.95
CA GLY C 153 -25.62 -2.88 -21.16
C GLY C 153 -24.81 -1.74 -21.80
N CYS C 154 -24.85 -0.57 -21.19
CA CYS C 154 -24.01 0.55 -21.61
C CYS C 154 -22.89 0.79 -20.62
N TRP C 155 -22.04 1.78 -20.92
CA TRP C 155 -20.85 2.02 -20.07
C TRP C 155 -20.26 3.40 -20.23
N SER C 156 -20.00 4.03 -19.10
CA SER C 156 -19.36 5.33 -18.98
C SER C 156 -20.27 6.50 -19.30
N VAL C 157 -19.90 7.64 -18.71
CA VAL C 157 -20.69 8.86 -18.72
C VAL C 157 -19.93 9.94 -19.46
N ILE C 158 -20.53 10.47 -20.53
CA ILE C 158 -19.97 11.64 -21.25
C ILE C 158 -20.92 12.82 -21.04
N PRO C 159 -20.57 13.78 -20.18
CA PRO C 159 -21.47 14.94 -20.00
C PRO C 159 -21.57 15.78 -21.27
N GLN C 160 -22.71 16.43 -21.46
CA GLN C 160 -22.90 17.35 -22.56
C GLN C 160 -22.64 18.76 -22.02
N PRO C 161 -21.50 19.38 -22.40
CA PRO C 161 -21.20 20.73 -21.88
C PRO C 161 -22.11 21.90 -22.28
N ASN C 162 -23.05 21.63 -23.18
CA ASN C 162 -23.96 22.64 -23.64
C ASN C 162 -25.36 22.52 -23.01
N ARG C 163 -25.51 21.64 -22.04
CA ARG C 163 -26.76 21.51 -21.28
C ARG C 163 -26.42 21.35 -19.82
N PRO C 164 -27.32 21.79 -18.93
CA PRO C 164 -27.00 21.79 -17.49
C PRO C 164 -26.92 20.40 -16.78
N ARG C 165 -27.73 19.45 -17.23
CA ARG C 165 -27.91 18.16 -16.56
C ARG C 165 -28.12 17.04 -17.56
N SER C 166 -27.37 17.06 -18.65
CA SER C 166 -27.45 15.99 -19.65
C SER C 166 -26.11 15.25 -19.81
N PHE C 167 -26.21 13.98 -20.11
CA PHE C 167 -25.02 13.18 -20.38
C PHE C 167 -25.39 12.03 -21.31
N MET C 168 -24.37 11.42 -21.89
CA MET C 168 -24.54 10.28 -22.76
C MET C 168 -23.76 9.08 -22.25
N THR C 169 -24.11 7.89 -22.75
CA THR C 169 -23.38 6.69 -22.45
C THR C 169 -23.35 5.81 -23.71
N ILE C 170 -22.32 5.00 -23.79
CA ILE C 170 -22.06 4.13 -24.94
C ILE C 170 -22.69 2.78 -24.65
N CYS C 171 -23.54 2.30 -25.57
CA CYS C 171 -24.32 1.09 -25.33
C CYS C 171 -23.86 -0.08 -26.22
N GLY C 172 -24.31 -1.27 -25.85
CA GLY C 172 -23.90 -2.51 -26.54
C GLY C 172 -24.34 -2.62 -27.98
N ASP C 173 -25.25 -1.75 -28.43
CA ASP C 173 -25.67 -1.72 -29.83
C ASP C 173 -24.71 -0.85 -30.66
N GLY C 174 -23.73 -0.19 -30.03
CA GLY C 174 -22.83 0.70 -30.78
C GLY C 174 -23.39 2.12 -30.95
N GLY C 175 -24.51 2.40 -30.28
CA GLY C 175 -25.07 3.75 -30.20
C GLY C 175 -24.91 4.38 -28.84
N LEU C 176 -25.48 5.58 -28.71
CA LEU C 176 -25.43 6.37 -27.48
C LEU C 176 -26.81 6.53 -26.85
N LEU C 177 -26.92 6.32 -25.55
CA LEU C 177 -28.09 6.71 -24.79
C LEU C 177 -27.85 8.06 -24.17
N THR C 178 -28.76 9.00 -24.38
CA THR C 178 -28.70 10.32 -23.77
C THR C 178 -29.73 10.39 -22.66
N ILE C 179 -29.30 10.87 -21.50
CA ILE C 179 -30.13 11.05 -20.31
C ILE C 179 -30.11 12.53 -19.98
N ASN C 180 -31.30 13.13 -19.85
CA ASN C 180 -31.49 14.48 -19.40
C ASN C 180 -32.18 14.42 -18.04
N LEU C 181 -31.49 14.91 -17.00
CA LEU C 181 -32.01 14.84 -15.63
C LEU C 181 -32.82 16.10 -15.36
N GLY C 182 -33.89 15.97 -14.60
CA GLY C 182 -34.62 17.11 -14.10
C GLY C 182 -33.92 17.75 -12.94
N GLU C 183 -34.50 18.81 -12.42
CA GLU C 183 -33.83 19.61 -11.41
C GLU C 183 -33.81 18.90 -10.05
N ASP C 184 -34.55 17.80 -9.98
CA ASP C 184 -34.58 16.87 -8.84
C ASP C 184 -33.61 15.68 -8.98
N GLY C 185 -32.89 15.61 -10.10
CA GLY C 185 -31.94 14.52 -10.36
C GLY C 185 -32.53 13.24 -10.91
N LYS C 186 -33.85 13.20 -11.08
CA LYS C 186 -34.52 12.04 -11.67
C LYS C 186 -34.51 12.20 -13.20
N VAL C 187 -34.55 11.08 -13.92
CA VAL C 187 -34.51 11.19 -15.37
C VAL C 187 -35.73 11.98 -15.83
N ALA C 188 -35.50 13.07 -16.55
CA ALA C 188 -36.56 13.89 -17.18
C ALA C 188 -36.92 13.48 -18.60
N SER C 189 -35.93 12.97 -19.30
CA SER C 189 -36.15 12.41 -20.61
C SER C 189 -34.91 11.69 -21.06
N GLN C 190 -35.07 10.95 -22.14
CA GLN C 190 -33.95 10.21 -22.70
C GLN C 190 -34.13 10.02 -24.18
N SER C 191 -33.05 9.69 -24.87
CA SER C 191 -33.13 9.30 -26.28
C SER C 191 -31.98 8.40 -26.66
N ARG C 192 -32.18 7.63 -27.74
CA ARG C 192 -31.21 6.68 -28.23
C ARG C 192 -30.81 7.05 -29.66
N SER C 193 -29.50 7.09 -29.92
CA SER C 193 -29.03 7.41 -31.25
C SER C 193 -29.10 6.18 -32.13
N LYS C 194 -28.90 6.41 -33.42
CA LYS C 194 -28.68 5.31 -34.34
C LYS C 194 -27.28 4.76 -34.03
N GLN C 195 -26.95 3.61 -34.59
CA GLN C 195 -25.68 3.02 -34.32
C GLN C 195 -24.58 3.93 -34.87
N MET C 196 -23.58 4.21 -34.03
CA MET C 196 -22.43 5.03 -34.39
C MET C 196 -21.29 4.19 -34.92
N PHE C 197 -20.98 3.10 -34.23
CA PHE C 197 -19.88 2.22 -34.60
C PHE C 197 -20.27 0.73 -34.46
N SER C 198 -19.50 -0.14 -35.12
CA SER C 198 -19.73 -1.56 -35.08
C SER C 198 -18.96 -2.09 -33.87
N VAL C 199 -19.67 -2.59 -32.88
CA VAL C 199 -19.02 -3.14 -31.69
C VAL C 199 -18.05 -4.25 -32.10
N LYS C 200 -18.42 -5.12 -33.03
CA LYS C 200 -17.51 -6.22 -33.38
C LYS C 200 -16.37 -5.79 -34.30
N ASP C 201 -16.68 -4.95 -35.29
CA ASP C 201 -15.76 -4.72 -36.40
C ASP C 201 -14.82 -3.52 -36.17
N ASP C 202 -15.23 -2.57 -35.34
CA ASP C 202 -14.44 -1.33 -35.14
C ASP C 202 -14.72 -0.72 -33.77
N PRO C 203 -14.35 -1.47 -32.71
CA PRO C 203 -14.59 -0.93 -31.37
C PRO C 203 -13.88 0.38 -31.09
N ILE C 204 -14.59 1.32 -30.45
CA ILE C 204 -14.03 2.56 -30.01
C ILE C 204 -13.51 2.48 -28.58
N PHE C 205 -12.50 3.30 -28.28
CA PHE C 205 -12.13 3.57 -26.93
C PHE C 205 -13.23 4.44 -26.32
N ILE C 206 -13.54 4.21 -25.05
CA ILE C 206 -14.57 4.97 -24.43
C ILE C 206 -14.23 6.44 -24.20
N ALA C 207 -12.92 6.78 -24.17
CA ALA C 207 -12.54 8.15 -23.81
C ALA C 207 -12.94 9.20 -24.87
N PRO C 208 -13.86 10.19 -24.56
CA PRO C 208 -14.22 11.21 -25.56
C PRO C 208 -13.19 12.28 -25.71
N ALA C 209 -13.09 12.81 -26.91
CA ALA C 209 -12.43 14.06 -27.13
C ALA C 209 -13.61 15.03 -27.17
N LEU C 210 -13.84 15.73 -26.06
CA LEU C 210 -15.12 16.41 -25.83
C LEU C 210 -15.11 17.89 -26.12
N ASP C 211 -15.96 18.27 -27.07
CA ASP C 211 -16.21 19.69 -27.42
C ASP C 211 -17.47 20.18 -26.66
N LYS C 212 -17.82 21.48 -26.77
CA LYS C 212 -18.99 21.98 -26.06
C LYS C 212 -20.28 21.32 -26.56
N ASP C 213 -20.31 20.91 -27.83
CA ASP C 213 -21.55 20.43 -28.47
C ASP C 213 -21.38 19.17 -29.30
N LYS C 214 -20.24 18.53 -29.17
CA LYS C 214 -20.03 17.22 -29.78
C LYS C 214 -18.86 16.54 -29.14
N ALA C 215 -18.77 15.23 -29.39
CA ALA C 215 -17.69 14.41 -28.89
C ALA C 215 -17.18 13.51 -29.98
N HIS C 216 -15.88 13.33 -30.01
CA HIS C 216 -15.26 12.44 -30.99
C HIS C 216 -14.67 11.28 -30.22
N PHE C 217 -14.58 10.13 -30.89
CA PHE C 217 -14.06 8.93 -30.29
C PHE C 217 -13.13 8.30 -31.29
N VAL C 218 -12.04 7.70 -30.82
CA VAL C 218 -11.15 6.98 -31.75
C VAL C 218 -11.35 5.48 -31.59
N SER C 219 -10.98 4.69 -32.60
CA SER C 219 -11.16 3.23 -32.55
C SER C 219 -9.85 2.43 -32.48
N TYR C 220 -10.00 1.14 -32.17
CA TYR C 220 -8.87 0.24 -32.05
C TYR C 220 -8.05 0.24 -33.34
N TYR C 221 -8.69 0.53 -34.47
CA TYR C 221 -8.01 0.45 -35.78
C TYR C 221 -7.70 1.82 -36.32
N GLY C 222 -7.92 2.85 -35.51
CA GLY C 222 -7.46 4.21 -35.90
C GLY C 222 -8.45 5.09 -36.67
N ASN C 223 -9.74 4.76 -36.58
CA ASN C 223 -10.79 5.57 -37.16
C ASN C 223 -11.36 6.47 -36.10
N VAL C 224 -12.15 7.45 -36.56
CA VAL C 224 -12.75 8.43 -35.69
C VAL C 224 -14.24 8.50 -35.95
N TYR C 225 -14.99 8.51 -34.86
CA TYR C 225 -16.46 8.64 -34.89
C TYR C 225 -16.87 9.87 -34.12
N SER C 226 -18.04 10.41 -34.43
CA SER C 226 -18.51 11.53 -33.64
C SER C 226 -19.98 11.52 -33.33
N ALA C 227 -20.32 12.20 -32.23
CA ALA C 227 -21.65 12.34 -31.71
C ALA C 227 -21.86 13.83 -31.51
N ASP C 228 -22.76 14.40 -32.31
CA ASP C 228 -23.05 15.81 -32.28
C ASP C 228 -24.35 15.99 -31.51
N PHE C 229 -24.27 16.71 -30.42
CA PHE C 229 -25.43 16.99 -29.60
C PHE C 229 -25.77 18.46 -29.57
N SER C 230 -25.56 19.15 -30.69
CA SER C 230 -26.00 20.54 -30.78
C SER C 230 -27.55 20.58 -30.74
N GLY C 231 -28.22 19.53 -31.19
CA GLY C 231 -29.70 19.42 -31.00
C GLY C 231 -30.14 18.44 -29.92
N ASP C 232 -31.46 18.31 -29.74
CA ASP C 232 -32.00 17.41 -28.70
C ASP C 232 -31.72 15.98 -29.01
N GLU C 233 -31.58 15.65 -30.29
CA GLU C 233 -31.26 14.30 -30.68
C GLU C 233 -29.81 14.26 -31.16
N VAL C 234 -29.06 13.28 -30.70
CA VAL C 234 -27.65 13.15 -31.06
C VAL C 234 -27.57 12.63 -32.47
N LYS C 235 -26.76 13.28 -33.30
CA LYS C 235 -26.45 12.82 -34.65
C LYS C 235 -25.06 12.22 -34.66
N VAL C 236 -24.94 11.00 -35.19
CA VAL C 236 -23.68 10.27 -35.19
C VAL C 236 -23.09 10.11 -36.60
N ASP C 237 -21.78 10.02 -36.68
CA ASP C 237 -21.16 9.82 -37.98
C ASP C 237 -19.77 9.20 -37.81
N GLY C 238 -19.10 8.93 -38.93
CA GLY C 238 -17.86 8.19 -38.92
C GLY C 238 -18.04 6.85 -39.57
N PRO C 239 -16.93 6.17 -39.92
CA PRO C 239 -15.57 6.62 -39.61
C PRO C 239 -14.87 7.52 -40.63
N TRP C 240 -13.98 8.37 -40.13
CA TRP C 240 -12.83 8.80 -40.93
C TRP C 240 -11.57 8.25 -40.29
N SER C 241 -10.49 8.15 -41.05
CA SER C 241 -9.28 7.49 -40.53
C SER C 241 -8.22 8.48 -40.10
N LEU C 242 -7.63 8.23 -38.92
CA LEU C 242 -6.47 9.02 -38.45
C LEU C 242 -5.25 8.83 -39.35
N LEU C 243 -5.27 7.78 -40.18
CA LEU C 243 -4.08 7.28 -40.85
C LEU C 243 -4.04 7.62 -42.34
N ASN C 244 -2.88 8.00 -42.83
CA ASN C 244 -2.68 8.11 -44.28
C ASN C 244 -2.03 6.81 -44.77
N ASP C 245 -1.68 6.73 -46.05
CA ASP C 245 -1.15 5.46 -46.55
C ASP C 245 0.15 5.02 -45.90
N GLU C 246 1.06 5.96 -45.68
CA GLU C 246 2.33 5.67 -45.05
C GLU C 246 2.09 5.15 -43.63
N ASP C 247 1.19 5.84 -42.92
CA ASP C 247 0.85 5.45 -41.57
C ASP C 247 0.44 3.98 -41.56
N LYS C 248 -0.40 3.62 -42.53
CA LYS C 248 -0.97 2.27 -42.60
C LYS C 248 0.13 1.25 -42.85
N ALA C 249 1.15 1.67 -43.59
CA ALA C 249 2.28 0.77 -43.88
C ALA C 249 3.02 0.27 -42.63
N LYS C 250 3.08 1.09 -41.56
CA LYS C 250 3.74 0.69 -40.31
C LYS C 250 2.71 0.35 -39.21
N ASN C 251 1.44 0.21 -39.59
CA ASN C 251 0.38 -0.28 -38.68
C ASN C 251 0.21 0.59 -37.44
N TRP C 252 0.30 1.90 -37.63
CA TRP C 252 -0.02 2.83 -36.54
C TRP C 252 -1.47 2.70 -36.10
N VAL C 253 -1.67 2.62 -34.78
CA VAL C 253 -3.01 2.63 -34.20
C VAL C 253 -2.95 3.39 -32.87
N PRO C 254 -4.10 3.80 -32.35
CA PRO C 254 -4.15 4.42 -31.00
C PRO C 254 -3.89 3.39 -29.89
N GLY C 255 -3.43 3.88 -28.76
CA GLY C 255 -3.33 3.05 -27.56
C GLY C 255 -3.28 3.91 -26.31
N GLY C 256 -3.89 3.38 -25.24
CA GLY C 256 -3.77 3.99 -23.91
C GLY C 256 -5.08 3.84 -23.19
N TYR C 257 -5.34 4.77 -22.25
CA TYR C 257 -6.51 4.70 -21.38
C TYR C 257 -7.36 5.94 -21.58
N ASN C 258 -7.05 7.01 -20.83
CA ASN C 258 -7.61 8.35 -21.08
C ASN C 258 -6.79 8.94 -22.23
N LEU C 259 -7.00 8.39 -23.43
CA LEU C 259 -6.00 8.50 -24.51
C LEU C 259 -6.16 9.63 -25.49
N VAL C 260 -7.25 10.40 -25.37
CA VAL C 260 -7.50 11.52 -26.29
C VAL C 260 -7.89 12.83 -25.56
N GLY C 261 -7.86 13.92 -26.29
CA GLY C 261 -8.15 15.22 -25.72
C GLY C 261 -8.54 16.13 -26.85
N LEU C 262 -9.36 17.15 -26.56
CA LEU C 262 -9.74 18.14 -27.59
C LEU C 262 -9.42 19.55 -27.07
N HIS C 263 -8.75 20.34 -27.88
CA HIS C 263 -8.54 21.78 -27.59
C HIS C 263 -9.69 22.48 -28.32
N ARG C 264 -10.66 22.93 -27.55
CA ARG C 264 -11.93 23.41 -28.15
C ARG C 264 -11.78 24.63 -29.06
N ALA C 265 -10.88 25.54 -28.69
CA ALA C 265 -10.72 26.80 -29.47
C ALA C 265 -10.24 26.53 -30.89
N SER C 266 -9.42 25.48 -31.05
CA SER C 266 -8.81 25.18 -32.37
C SER C 266 -9.43 23.98 -33.05
N GLY C 267 -10.14 23.15 -32.28
CA GLY C 267 -10.60 21.85 -32.79
C GLY C 267 -9.50 20.82 -32.96
N ARG C 268 -8.30 21.08 -32.42
CA ARG C 268 -7.25 20.08 -32.47
C ARG C 268 -7.56 18.92 -31.53
N MET C 269 -7.46 17.72 -32.06
CA MET C 269 -7.58 16.52 -31.26
C MET C 269 -6.26 15.82 -31.08
N TYR C 270 -5.99 15.42 -29.83
CA TYR C 270 -4.69 14.85 -29.41
C TYR C 270 -4.96 13.34 -29.19
N VAL C 271 -4.08 12.49 -29.68
CA VAL C 271 -4.31 11.04 -29.61
C VAL C 271 -2.98 10.32 -29.44
N PHE C 272 -2.90 9.41 -28.47
CA PHE C 272 -1.71 8.62 -28.30
C PHE C 272 -1.68 7.50 -29.32
N MET C 273 -0.53 7.29 -29.98
CA MET C 273 -0.44 6.35 -31.09
C MET C 273 0.84 5.54 -30.96
N HIS C 274 0.79 4.32 -31.49
CA HIS C 274 2.00 3.54 -31.60
C HIS C 274 2.00 2.73 -32.90
N PRO C 275 3.21 2.38 -33.37
CA PRO C 275 3.34 1.53 -34.54
C PRO C 275 3.16 0.05 -34.26
N ASP C 276 3.13 -0.73 -35.33
CA ASP C 276 3.04 -2.19 -35.23
C ASP C 276 1.82 -2.64 -34.44
N GLY C 277 0.72 -1.96 -34.69
CA GLY C 277 -0.54 -2.30 -34.07
C GLY C 277 -1.00 -3.67 -34.52
N LYS C 278 -1.62 -4.38 -33.60
CA LYS C 278 -2.25 -5.64 -33.90
C LYS C 278 -3.12 -5.99 -32.72
N GLU C 279 -3.89 -7.07 -32.85
CA GLU C 279 -4.78 -7.46 -31.74
C GLU C 279 -4.01 -7.56 -30.44
N GLY C 280 -4.49 -6.88 -29.42
CA GLY C 280 -3.83 -6.89 -28.11
C GLY C 280 -2.96 -5.64 -27.79
N THR C 281 -2.88 -4.66 -28.69
CA THR C 281 -1.98 -3.52 -28.43
C THR C 281 -2.70 -2.22 -28.04
N HIS C 282 -4.02 -2.29 -27.83
CA HIS C 282 -4.81 -1.10 -27.58
C HIS C 282 -4.50 -0.33 -26.28
N LYS C 283 -3.75 -0.94 -25.35
CA LYS C 283 -3.38 -0.23 -24.13
C LYS C 283 -1.86 0.03 -24.06
N PHE C 284 -1.14 -0.16 -25.18
CA PHE C 284 0.29 0.11 -25.23
C PHE C 284 0.59 1.60 -25.05
N PRO C 285 1.71 1.93 -24.38
CA PRO C 285 2.11 3.32 -24.23
C PRO C 285 2.33 4.01 -25.55
N ALA C 286 2.19 5.33 -25.55
CA ALA C 286 2.37 6.12 -26.76
C ALA C 286 3.82 6.16 -27.22
N ALA C 287 4.07 5.75 -28.46
CA ALA C 287 5.31 6.14 -29.16
C ALA C 287 5.26 7.62 -29.56
N GLU C 288 4.09 8.07 -30.01
CA GLU C 288 3.88 9.46 -30.41
C GLU C 288 2.54 10.00 -29.89
N ILE C 289 2.45 11.32 -29.84
CA ILE C 289 1.17 12.00 -29.76
C ILE C 289 0.92 12.60 -31.13
N TRP C 290 -0.24 12.31 -31.72
CA TRP C 290 -0.63 12.95 -32.98
C TRP C 290 -1.60 14.06 -32.69
N VAL C 291 -1.43 15.14 -33.42
CA VAL C 291 -2.32 16.30 -33.36
C VAL C 291 -3.13 16.36 -34.65
N MET C 292 -4.44 16.19 -34.50
CA MET C 292 -5.36 16.09 -35.65
C MET C 292 -6.24 17.33 -35.76
N ASP C 293 -6.40 17.86 -36.96
CA ASP C 293 -7.34 18.91 -37.19
C ASP C 293 -8.69 18.26 -37.44
N THR C 294 -9.63 18.40 -36.51
CA THR C 294 -10.90 17.72 -36.68
C THR C 294 -11.83 18.33 -37.75
N LYS C 295 -11.52 19.54 -38.20
CA LYS C 295 -12.29 20.17 -39.27
C LYS C 295 -11.88 19.61 -40.62
N THR C 296 -10.58 19.46 -40.84
CA THR C 296 -10.05 18.99 -42.10
C THR C 296 -9.86 17.48 -42.09
N LYS C 297 -9.94 16.88 -40.90
CA LYS C 297 -9.81 15.44 -40.75
C LYS C 297 -8.44 14.95 -41.22
N GLN C 298 -7.41 15.75 -40.91
CA GLN C 298 -6.02 15.46 -41.25
C GLN C 298 -5.10 15.76 -40.06
N ARG C 299 -4.01 15.01 -39.99
CA ARG C 299 -2.99 15.28 -38.98
C ARG C 299 -2.23 16.56 -39.32
N VAL C 300 -1.90 17.36 -38.31
CA VAL C 300 -1.07 18.57 -38.51
C VAL C 300 0.31 18.49 -37.85
N ALA C 301 0.43 17.68 -36.79
CA ALA C 301 1.73 17.47 -36.13
C ALA C 301 1.79 16.13 -35.39
N ARG C 302 3.01 15.76 -35.10
CA ARG C 302 3.30 14.56 -34.34
C ARG C 302 4.52 14.81 -33.51
N ILE C 303 4.49 14.35 -32.26
CA ILE C 303 5.64 14.51 -31.39
C ILE C 303 5.89 13.19 -30.60
N PRO C 304 7.08 13.05 -30.00
CA PRO C 304 7.33 11.89 -29.14
C PRO C 304 6.33 11.73 -28.00
N GLY C 305 5.94 10.50 -27.77
CA GLY C 305 4.91 10.20 -26.77
C GLY C 305 5.34 10.02 -25.32
N ARG C 306 6.64 9.84 -25.12
CA ARG C 306 7.18 9.69 -23.79
C ARG C 306 6.51 8.54 -23.04
N ASP C 307 6.10 7.47 -23.74
CA ASP C 307 5.46 6.29 -23.11
C ASP C 307 4.17 6.62 -22.33
N ALA C 308 3.53 7.71 -22.72
CA ALA C 308 2.36 8.16 -22.00
C ALA C 308 1.16 7.24 -22.27
N LEU C 309 0.25 7.18 -21.29
CA LEU C 309 -0.92 6.32 -21.37
C LEU C 309 -2.26 7.08 -21.24
N SER C 310 -2.22 8.19 -20.50
CA SER C 310 -3.35 9.03 -20.23
C SER C 310 -2.98 10.52 -20.32
N MET C 311 -3.98 11.35 -20.65
CA MET C 311 -3.83 12.82 -20.76
C MET C 311 -5.03 13.56 -20.26
N THR C 312 -4.91 14.88 -20.14
CA THR C 312 -6.04 15.76 -19.92
C THR C 312 -5.63 17.14 -20.43
N ILE C 313 -6.64 17.95 -20.78
CA ILE C 313 -6.45 19.25 -21.40
C ILE C 313 -7.04 20.36 -20.52
N ASP C 314 -6.30 21.45 -20.41
CA ASP C 314 -6.87 22.68 -19.85
C ASP C 314 -7.09 23.68 -20.98
N GLN C 315 -8.34 24.07 -21.17
CA GLN C 315 -8.70 24.87 -22.32
C GLN C 315 -8.17 26.28 -22.18
N GLN C 316 -8.43 26.92 -21.06
CA GLN C 316 -8.13 28.35 -20.95
C GLN C 316 -6.67 28.78 -20.90
N ARG C 317 -5.80 27.86 -20.47
CA ARG C 317 -4.35 28.12 -20.46
C ARG C 317 -3.64 27.35 -21.57
N ASN C 318 -4.41 26.60 -22.39
CA ASN C 318 -3.86 25.93 -23.52
C ASN C 318 -2.77 24.93 -23.10
N LEU C 319 -3.14 24.00 -22.24
CA LEU C 319 -2.20 23.03 -21.62
C LEU C 319 -2.68 21.62 -21.85
N MET C 320 -1.72 20.70 -22.01
CA MET C 320 -1.99 19.27 -22.05
C MET C 320 -1.03 18.63 -21.06
N LEU C 321 -1.58 17.76 -20.20
CA LEU C 321 -0.78 16.93 -19.31
C LEU C 321 -0.80 15.53 -19.87
N THR C 322 0.33 14.83 -19.81
CA THR C 322 0.33 13.41 -20.17
C THR C 322 0.93 12.66 -18.99
N LEU C 323 0.66 11.37 -18.89
CA LEU C 323 1.01 10.59 -17.72
C LEU C 323 1.33 9.18 -18.14
N ASP C 324 2.46 8.65 -17.68
CA ASP C 324 2.93 7.37 -18.11
C ASP C 324 2.72 6.28 -17.04
N GLY C 325 2.01 6.63 -15.96
CA GLY C 325 1.82 5.71 -14.83
C GLY C 325 2.45 6.27 -13.57
N GLY C 326 3.57 6.99 -13.73
CA GLY C 326 4.31 7.57 -12.63
C GLY C 326 4.71 9.03 -12.72
N ASN C 327 4.93 9.49 -13.94
CA ASN C 327 5.41 10.82 -14.25
C ASN C 327 4.38 11.59 -15.08
N VAL C 328 4.29 12.90 -14.81
CA VAL C 328 3.39 13.80 -15.51
C VAL C 328 4.20 14.78 -16.34
N ASN C 329 3.88 14.86 -17.62
CA ASN C 329 4.46 15.81 -18.55
C ASN C 329 3.51 16.96 -18.80
N VAL C 330 4.04 18.19 -18.74
CA VAL C 330 3.24 19.38 -18.92
C VAL C 330 3.62 19.97 -20.25
N TYR C 331 2.63 20.10 -21.15
CA TYR C 331 2.81 20.66 -22.49
C TYR C 331 1.97 21.92 -22.69
N ASP C 332 2.59 22.88 -23.39
CA ASP C 332 1.91 24.06 -23.88
C ASP C 332 1.36 23.73 -25.26
N ILE C 333 0.03 23.81 -25.40
CA ILE C 333 -0.63 23.54 -26.65
C ILE C 333 -1.29 24.78 -27.27
N SER C 334 -0.75 25.97 -26.99
CA SER C 334 -1.25 27.20 -27.59
C SER C 334 -1.02 27.25 -29.10
N GLN C 335 -0.09 26.45 -29.60
CA GLN C 335 0.15 26.39 -31.05
C GLN C 335 0.05 24.92 -31.44
N PRO C 336 -0.14 24.62 -32.75
CA PRO C 336 -0.31 23.23 -33.19
C PRO C 336 0.71 22.20 -32.71
N GLU C 337 2.00 22.58 -32.64
CA GLU C 337 3.02 21.66 -32.11
C GLU C 337 3.11 21.84 -30.60
N PRO C 338 2.80 20.80 -29.81
CA PRO C 338 2.96 20.90 -28.35
C PRO C 338 4.40 21.18 -27.96
N LYS C 339 4.57 22.04 -26.94
CA LYS C 339 5.89 22.28 -26.35
C LYS C 339 6.00 21.67 -24.94
N LEU C 340 6.99 20.81 -24.74
CA LEU C 340 7.19 20.18 -23.41
C LEU C 340 7.77 21.22 -22.48
N LEU C 341 7.06 21.54 -21.39
CA LEU C 341 7.55 22.52 -20.41
C LEU C 341 8.33 21.91 -19.25
N ARG C 342 7.83 20.78 -18.76
CA ARG C 342 8.48 20.06 -17.64
C ARG C 342 7.90 18.71 -17.46
N THR C 343 8.63 17.91 -16.68
CA THR C 343 8.15 16.58 -16.29
C THR C 343 8.20 16.55 -14.76
N ILE C 344 7.14 16.07 -14.16
CA ILE C 344 7.07 15.92 -12.70
C ILE C 344 7.31 14.45 -12.46
N GLU C 345 8.46 14.08 -11.89
CA GLU C 345 8.84 12.69 -11.77
C GLU C 345 8.27 12.17 -10.46
N GLY C 346 7.79 10.93 -10.47
CA GLY C 346 7.31 10.27 -9.26
C GLY C 346 6.06 10.94 -8.68
N ALA C 347 5.19 11.41 -9.56
CA ALA C 347 3.92 11.99 -9.14
C ALA C 347 2.95 10.92 -8.62
N ALA C 348 3.20 9.67 -8.98
CA ALA C 348 2.38 8.56 -8.55
C ALA C 348 3.14 7.24 -8.72
N GLU C 349 2.70 6.20 -8.03
CA GLU C 349 3.19 4.84 -8.26
C GLU C 349 2.43 4.10 -9.37
N ALA C 350 1.11 4.33 -9.45
CA ALA C 350 0.32 3.67 -10.45
C ALA C 350 -0.93 4.49 -10.75
N SER C 351 -0.76 5.51 -11.59
CA SER C 351 -1.88 6.39 -11.92
C SER C 351 -2.15 6.37 -13.41
N LEU C 352 -3.42 6.26 -13.79
CA LEU C 352 -3.86 6.35 -15.20
C LEU C 352 -4.75 7.56 -15.38
N GLN C 353 -4.75 8.50 -14.39
CA GLN C 353 -5.63 9.66 -14.53
C GLN C 353 -5.10 10.89 -13.83
N VAL C 354 -4.97 11.98 -14.60
CA VAL C 354 -4.62 13.27 -14.05
C VAL C 354 -5.68 14.29 -14.54
N GLN C 355 -5.99 15.27 -13.69
CA GLN C 355 -7.02 16.26 -13.99
C GLN C 355 -6.59 17.63 -13.45
N PHE C 356 -6.94 18.68 -14.19
CA PHE C 356 -6.67 20.02 -13.72
C PHE C 356 -7.74 20.53 -12.77
N HIS C 357 -7.37 21.38 -11.79
CA HIS C 357 -8.40 22.12 -11.06
C HIS C 357 -9.24 22.89 -12.08
N PRO C 358 -10.58 22.79 -12.01
CA PRO C 358 -11.44 23.66 -12.84
C PRO C 358 -11.25 25.13 -12.54
N VAL C 359 -11.21 25.96 -13.60
CA VAL C 359 -11.15 27.40 -13.45
C VAL C 359 -12.29 28.13 -14.20
N GLY C 360 -13.05 27.38 -15.02
CA GLY C 360 -14.04 27.95 -15.95
C GLY C 360 -15.37 28.31 -15.34
N GLY C 361 -15.56 27.98 -14.06
CA GLY C 361 -16.81 28.33 -13.34
C GLY C 361 -18.02 27.55 -13.82
N ARG D 2 -13.76 -27.80 -18.29
CA ARG D 2 -12.61 -28.69 -18.02
C ARG D 2 -12.09 -28.44 -16.61
N GLU D 3 -11.97 -27.16 -16.25
CA GLU D 3 -11.40 -26.82 -14.94
C GLU D 3 -12.35 -25.94 -14.16
N VAL D 4 -12.20 -25.95 -12.83
CA VAL D 4 -12.96 -25.09 -11.95
C VAL D 4 -12.00 -24.51 -10.89
N LEU D 5 -12.07 -23.20 -10.69
CA LEU D 5 -11.29 -22.54 -9.66
C LEU D 5 -11.93 -22.79 -8.32
N THR D 6 -11.18 -23.32 -7.37
CA THR D 6 -11.72 -23.65 -6.06
C THR D 6 -10.91 -22.95 -4.94
N GLY D 7 -11.51 -22.72 -3.79
CA GLY D 7 -10.76 -22.24 -2.61
C GLY D 7 -10.87 -23.26 -1.49
N GLY D 8 -10.58 -22.84 -0.26
CA GLY D 8 -10.57 -23.76 0.89
C GLY D 8 -9.29 -24.58 1.08
N HIS D 9 -8.25 -24.25 0.32
CA HIS D 9 -7.02 -25.03 0.29
C HIS D 9 -6.07 -24.62 1.38
N SER D 10 -5.25 -25.55 1.81
CA SER D 10 -4.25 -25.33 2.85
C SER D 10 -2.92 -24.94 2.21
N VAL D 11 -2.03 -24.39 3.03
CA VAL D 11 -0.71 -24.02 2.54
C VAL D 11 -0.04 -25.29 1.96
N SER D 12 0.65 -25.16 0.81
CA SER D 12 1.16 -26.33 0.06
C SER D 12 2.34 -27.02 0.72
N ALA D 13 3.16 -26.27 1.47
CA ALA D 13 4.41 -26.82 2.08
C ALA D 13 4.13 -27.09 3.53
N PRO D 14 4.76 -28.11 4.10
CA PRO D 14 4.50 -28.47 5.47
C PRO D 14 4.97 -27.38 6.46
N GLN D 15 4.40 -27.37 7.66
CA GLN D 15 4.71 -26.33 8.64
C GLN D 15 6.20 -26.13 8.86
N GLU D 16 6.94 -27.22 8.90
CA GLU D 16 8.36 -27.14 9.23
C GLU D 16 9.21 -26.43 8.13
N ASN D 17 8.59 -26.15 6.98
CA ASN D 17 9.26 -25.39 5.90
C ASN D 17 8.98 -23.89 5.96
N ARG D 18 8.08 -23.46 6.85
CA ARG D 18 7.51 -22.11 6.78
C ARG D 18 8.19 -21.06 7.65
N ILE D 19 8.25 -19.84 7.11
CA ILE D 19 8.65 -18.65 7.81
C ILE D 19 7.68 -17.52 7.48
N TYR D 20 7.69 -16.51 8.36
CA TYR D 20 6.71 -15.42 8.32
C TYR D 20 7.51 -14.14 8.27
N VAL D 21 7.38 -13.41 7.18
CA VAL D 21 8.04 -12.14 7.01
C VAL D 21 7.01 -11.04 7.21
N MET D 22 7.21 -10.23 8.24
CA MET D 22 6.22 -9.23 8.60
C MET D 22 6.52 -7.98 7.77
N ASP D 23 5.75 -7.77 6.71
CA ASP D 23 5.99 -6.63 5.85
C ASP D 23 5.19 -5.42 6.33
N SER D 24 5.87 -4.41 6.88
CA SER D 24 5.17 -3.20 7.39
C SER D 24 4.58 -2.38 6.21
N VAL D 25 5.11 -2.55 5.03
CA VAL D 25 4.79 -1.69 3.87
C VAL D 25 4.67 -0.25 4.33
N PHE D 26 5.73 0.27 4.90
CA PHE D 26 5.70 1.57 5.53
C PHE D 26 5.21 2.66 4.56
N MET D 27 5.53 2.55 3.26
CA MET D 27 5.06 3.52 2.27
C MET D 27 3.53 3.52 2.15
N HIS D 28 2.91 2.40 2.56
CA HIS D 28 1.44 2.23 2.54
C HIS D 28 1.04 1.41 3.76
N LEU D 29 1.33 2.01 4.90
CA LEU D 29 1.38 1.27 6.18
C LEU D 29 0.00 0.76 6.57
N THR D 30 -1.07 1.25 5.93
CA THR D 30 -2.41 0.74 6.22
C THR D 30 -2.69 -0.59 5.55
N GLU D 31 -1.74 -1.06 4.74
CA GLU D 31 -1.89 -2.36 4.05
C GLU D 31 -0.67 -3.27 4.35
N SER D 32 -0.22 -3.20 5.59
CA SER D 32 0.81 -4.12 6.06
C SER D 32 0.32 -5.54 5.94
N ARG D 33 1.25 -6.48 5.86
CA ARG D 33 0.86 -7.91 5.75
C ARG D 33 1.97 -8.83 6.15
N VAL D 34 1.58 -10.07 6.45
CA VAL D 34 2.50 -11.16 6.68
C VAL D 34 2.66 -11.97 5.37
N HIS D 35 3.90 -12.14 4.92
CA HIS D 35 4.19 -13.01 3.79
C HIS D 35 4.72 -14.35 4.31
N VAL D 36 4.13 -15.45 3.86
CA VAL D 36 4.53 -16.78 4.30
C VAL D 36 5.38 -17.35 3.19
N TYR D 37 6.59 -17.77 3.55
CA TYR D 37 7.54 -18.32 2.55
C TYR D 37 8.00 -19.70 2.99
N ASP D 38 8.44 -20.49 2.02
CA ASP D 38 9.12 -21.76 2.32
C ASP D 38 10.62 -21.45 2.34
N TYR D 39 11.32 -21.59 3.46
CA TYR D 39 12.71 -21.17 3.54
C TYR D 39 13.64 -22.15 2.81
N THR D 40 13.15 -23.34 2.49
CA THR D 40 13.98 -24.37 1.89
C THR D 40 14.16 -24.18 0.40
N ASN D 41 13.24 -23.42 -0.20
CA ASN D 41 13.32 -23.13 -1.65
C ASN D 41 12.92 -21.73 -2.10
N GLY D 42 12.58 -20.84 -1.15
CA GLY D 42 12.21 -19.47 -1.44
C GLY D 42 10.82 -19.28 -1.99
N LYS D 43 10.00 -20.32 -1.96
CA LYS D 43 8.65 -20.23 -2.54
C LYS D 43 7.71 -19.42 -1.68
N PHE D 44 6.95 -18.54 -2.34
CA PHE D 44 5.89 -17.74 -1.70
C PHE D 44 4.67 -18.65 -1.54
N LEU D 45 4.22 -18.78 -0.30
CA LEU D 45 3.16 -19.72 0.07
C LEU D 45 1.76 -19.13 0.37
N GLY D 46 1.74 -17.86 0.71
CA GLY D 46 0.51 -17.19 1.08
C GLY D 46 0.79 -15.96 1.91
N MET D 47 -0.27 -15.37 2.45
CA MET D 47 -0.11 -14.11 3.17
C MET D 47 -1.31 -13.84 4.07
N VAL D 48 -1.08 -13.02 5.09
CA VAL D 48 -2.16 -12.61 5.99
C VAL D 48 -2.20 -11.11 6.06
N PRO D 49 -3.35 -10.51 5.68
CA PRO D 49 -3.48 -9.07 5.73
C PRO D 49 -3.58 -8.55 7.16
N THR D 50 -2.91 -7.46 7.45
CA THR D 50 -2.83 -6.93 8.82
C THR D 50 -3.01 -5.41 8.93
N ALA D 51 -3.75 -4.81 7.97
CA ALA D 51 -4.20 -3.43 8.11
C ALA D 51 -3.10 -2.49 8.53
N PHE D 52 -3.33 -1.64 9.54
CA PHE D 52 -2.36 -0.60 9.87
C PHE D 52 -1.26 -1.10 10.79
N ASN D 53 -0.04 -1.14 10.27
CA ASN D 53 1.12 -1.48 11.14
C ASN D 53 0.85 -2.76 11.94
N GLY D 54 0.54 -3.83 11.23
CA GLY D 54 0.35 -5.12 11.91
C GLY D 54 1.57 -5.65 12.64
N HIS D 55 1.34 -6.44 13.70
CA HIS D 55 2.38 -7.25 14.34
C HIS D 55 1.92 -8.70 14.29
N VAL D 56 2.86 -9.62 14.39
CA VAL D 56 2.52 -11.04 14.22
C VAL D 56 3.38 -11.95 15.10
N GLN D 57 2.78 -13.08 15.50
CA GLN D 57 3.52 -14.19 16.08
C GLN D 57 2.75 -15.47 15.80
N VAL D 58 3.43 -16.59 15.92
CA VAL D 58 2.80 -17.88 15.74
C VAL D 58 2.59 -18.46 17.12
N SER D 59 1.44 -19.10 17.29
CA SER D 59 1.18 -19.75 18.58
C SER D 59 2.30 -20.75 18.90
N ASN D 60 2.64 -20.89 20.18
CA ASN D 60 3.69 -21.84 20.54
C ASN D 60 3.38 -23.22 20.06
N ASP D 61 2.10 -23.60 20.00
CA ASP D 61 1.74 -24.97 19.56
C ASP D 61 1.70 -25.16 18.04
N GLY D 62 2.02 -24.09 17.32
CA GLY D 62 2.14 -24.12 15.88
C GLY D 62 0.84 -24.18 15.08
N LYS D 63 -0.32 -24.10 15.74
CA LYS D 63 -1.65 -24.23 15.06
C LYS D 63 -2.26 -22.96 14.48
N LYS D 64 -1.95 -21.82 15.09
CA LYS D 64 -2.59 -20.56 14.78
C LYS D 64 -1.56 -19.44 14.58
N ILE D 65 -1.93 -18.43 13.79
CA ILE D 65 -1.14 -17.21 13.65
C ILE D 65 -1.91 -16.14 14.41
N TYR D 66 -1.20 -15.37 15.24
CA TYR D 66 -1.81 -14.25 15.95
C TYR D 66 -1.32 -12.99 15.30
N THR D 67 -2.25 -12.08 15.00
CA THR D 67 -1.85 -10.76 14.55
C THR D 67 -2.40 -9.71 15.52
N MET D 68 -1.82 -8.51 15.48
CA MET D 68 -2.31 -7.41 16.26
C MET D 68 -2.31 -6.23 15.32
N THR D 69 -3.42 -5.48 15.30
CA THR D 69 -3.53 -4.35 14.37
C THR D 69 -4.55 -3.33 14.85
N THR D 70 -4.71 -2.29 14.07
CA THR D 70 -5.63 -1.18 14.36
C THR D 70 -6.43 -0.94 13.09
N TYR D 71 -7.74 -0.86 13.28
CA TYR D 71 -8.72 -0.46 12.26
C TYR D 71 -9.38 0.84 12.70
N HIS D 72 -9.91 1.57 11.73
CA HIS D 72 -10.86 2.64 12.00
C HIS D 72 -12.03 2.48 11.03
N GLU D 73 -13.21 2.89 11.47
CA GLU D 73 -14.43 2.73 10.69
C GLU D 73 -14.28 3.20 9.23
N ARG D 74 -13.53 4.28 9.05
CA ARG D 74 -13.28 4.88 7.73
C ARG D 74 -11.75 5.11 7.53
N ILE D 75 -10.96 4.24 8.18
CA ILE D 75 -9.51 4.17 8.03
C ILE D 75 -8.77 5.39 8.61
N THR D 76 -8.98 6.55 8.00
CA THR D 76 -8.37 7.81 8.44
C THR D 76 -9.31 8.68 9.28
N ARG D 77 -10.51 8.16 9.52
CA ARG D 77 -11.47 8.77 10.42
C ARG D 77 -12.39 7.65 10.96
N GLY D 78 -13.21 8.01 11.94
CA GLY D 78 -14.12 7.06 12.56
C GLY D 78 -13.52 6.34 13.75
N LYS D 79 -14.32 5.50 14.37
CA LYS D 79 -13.93 4.89 15.64
C LYS D 79 -12.79 3.88 15.44
N ARG D 80 -11.86 3.89 16.40
CA ARG D 80 -10.70 3.02 16.45
C ARG D 80 -11.05 1.66 17.06
N SER D 81 -10.51 0.60 16.46
CA SER D 81 -10.58 -0.73 17.02
C SER D 81 -9.17 -1.36 16.97
N ASP D 82 -8.54 -1.51 18.14
CA ASP D 82 -7.28 -2.24 18.27
C ASP D 82 -7.66 -3.67 18.56
N VAL D 83 -7.08 -4.63 17.83
CA VAL D 83 -7.43 -6.03 17.99
C VAL D 83 -6.21 -6.95 17.98
N VAL D 84 -6.39 -8.13 18.57
CA VAL D 84 -5.64 -9.32 18.23
C VAL D 84 -6.59 -10.16 17.40
N GLU D 85 -6.08 -10.78 16.34
CA GLU D 85 -6.84 -11.71 15.53
C GLU D 85 -6.20 -13.09 15.59
N VAL D 86 -7.03 -14.13 15.63
CA VAL D 86 -6.55 -15.49 15.55
C VAL D 86 -6.88 -15.98 14.19
N TRP D 87 -5.83 -16.41 13.47
CA TRP D 87 -5.91 -17.00 12.17
C TRP D 87 -5.48 -18.49 12.17
N ASP D 88 -6.11 -19.32 11.36
CA ASP D 88 -5.65 -20.71 11.21
C ASP D 88 -4.34 -20.73 10.45
N ALA D 89 -3.30 -21.37 10.99
CA ALA D 89 -2.00 -21.43 10.29
C ALA D 89 -2.03 -22.15 8.95
N ASP D 90 -2.75 -23.25 8.86
CA ASP D 90 -2.72 -24.07 7.66
C ASP D 90 -3.62 -23.54 6.54
N LYS D 91 -4.76 -22.95 6.90
CA LYS D 91 -5.70 -22.41 5.92
C LYS D 91 -5.53 -20.89 5.70
N LEU D 92 -4.72 -20.23 6.53
CA LEU D 92 -4.52 -18.78 6.47
C LEU D 92 -5.84 -18.03 6.38
N THR D 93 -6.78 -18.42 7.25
CA THR D 93 -8.10 -17.82 7.33
C THR D 93 -8.37 -17.22 8.69
N PHE D 94 -9.14 -16.14 8.72
CA PHE D 94 -9.53 -15.49 9.97
C PHE D 94 -10.49 -16.32 10.80
N GLU D 95 -10.25 -16.41 12.11
CA GLU D 95 -11.12 -17.16 13.03
C GLU D 95 -11.81 -16.30 14.09
N LYS D 96 -11.08 -15.39 14.74
CA LYS D 96 -11.58 -14.70 15.91
C LYS D 96 -10.88 -13.37 16.08
N GLU D 97 -11.63 -12.37 16.47
CA GLU D 97 -11.12 -11.07 16.86
C GLU D 97 -11.26 -10.89 18.38
N ILE D 98 -10.21 -10.39 19.02
CA ILE D 98 -10.20 -10.13 20.45
C ILE D 98 -10.00 -8.62 20.60
N SER D 99 -10.95 -7.96 21.26
CA SER D 99 -10.90 -6.49 21.36
C SER D 99 -9.87 -6.06 22.39
N LEU D 100 -9.05 -5.08 22.03
CA LEU D 100 -8.09 -4.46 22.93
C LEU D 100 -8.47 -3.01 23.24
N PRO D 101 -7.93 -2.46 24.34
CA PRO D 101 -8.21 -1.03 24.55
C PRO D 101 -7.40 -0.28 23.49
N PRO D 102 -7.86 0.91 23.08
CA PRO D 102 -7.26 1.65 21.95
C PRO D 102 -5.90 2.25 22.27
N LYS D 103 -4.96 1.40 22.67
CA LYS D 103 -3.63 1.84 22.97
C LYS D 103 -2.54 0.82 22.69
N ARG D 104 -2.83 -0.19 21.87
CA ARG D 104 -1.77 -1.13 21.51
C ARG D 104 -0.62 -0.41 20.82
N VAL D 105 0.61 -0.92 20.98
CA VAL D 105 1.77 -0.13 20.54
C VAL D 105 1.73 -0.12 19.05
N GLN D 106 1.86 1.10 18.51
CA GLN D 106 2.07 1.28 17.08
C GLN D 106 3.54 1.65 16.89
N GLY D 107 4.25 0.80 16.15
CA GLY D 107 5.68 0.96 15.99
C GLY D 107 6.30 -0.19 15.22
N LEU D 108 7.62 -0.07 14.98
CA LEU D 108 8.34 -1.10 14.26
C LEU D 108 8.29 -2.43 14.98
N ASN D 109 8.54 -3.47 14.20
CA ASN D 109 8.23 -4.80 14.62
C ASN D 109 9.32 -5.49 15.41
N TYR D 110 9.65 -4.90 16.55
CA TYR D 110 10.51 -5.65 17.49
C TYR D 110 9.77 -6.84 18.08
N ASP D 111 10.45 -7.97 18.25
CA ASP D 111 9.80 -9.19 18.74
C ASP D 111 9.08 -8.93 20.07
N GLY D 112 9.72 -8.15 20.92
CA GLY D 112 9.26 -7.99 22.32
C GLY D 112 7.97 -7.19 22.50
N LEU D 113 7.38 -6.73 21.40
CA LEU D 113 6.18 -5.89 21.52
C LEU D 113 4.91 -6.74 21.47
N PHE D 114 5.06 -8.00 21.09
CA PHE D 114 3.92 -8.88 20.85
C PHE D 114 4.40 -10.30 21.03
N ARG D 115 4.14 -10.86 22.22
CA ARG D 115 4.75 -12.11 22.66
C ARG D 115 3.66 -12.99 23.30
N GLN D 116 4.06 -14.11 23.88
CA GLN D 116 3.11 -14.95 24.58
C GLN D 116 3.82 -15.66 25.73
N THR D 117 3.04 -16.13 26.70
CA THR D 117 3.64 -16.91 27.79
C THR D 117 4.13 -18.25 27.26
N THR D 118 5.07 -18.83 28.00
CA THR D 118 5.67 -20.08 27.57
C THR D 118 4.60 -21.15 27.35
N ASP D 119 3.61 -21.21 28.24
CA ASP D 119 2.55 -22.21 28.13
C ASP D 119 1.52 -21.92 27.01
N GLY D 120 1.70 -20.80 26.32
CA GLY D 120 0.83 -20.39 25.22
C GLY D 120 -0.55 -19.89 25.59
N LYS D 121 -0.87 -19.81 26.89
CA LYS D 121 -2.26 -19.47 27.29
C LYS D 121 -2.60 -17.99 27.18
N PHE D 122 -1.57 -17.16 27.34
CA PHE D 122 -1.75 -15.72 27.29
C PHE D 122 -0.87 -15.05 26.26
N ILE D 123 -1.46 -14.13 25.53
CA ILE D 123 -0.71 -13.20 24.68
C ILE D 123 -0.35 -12.01 25.55
N VAL D 124 0.87 -11.51 25.37
CA VAL D 124 1.46 -10.44 26.20
C VAL D 124 1.99 -9.43 25.26
N LEU D 125 1.41 -8.24 25.34
CA LEU D 125 1.66 -7.17 24.37
C LEU D 125 1.93 -5.81 25.04
N GLN D 126 2.68 -4.97 24.34
CA GLN D 126 2.99 -3.57 24.78
C GLN D 126 1.91 -2.57 24.38
N ASN D 127 1.49 -1.77 25.36
CA ASN D 127 0.57 -0.66 25.17
C ASN D 127 1.35 0.60 25.34
N ALA D 128 0.91 1.63 24.64
CA ALA D 128 1.48 2.93 24.82
C ALA D 128 0.39 3.94 24.47
N SER D 129 0.04 4.78 25.44
CA SER D 129 -1.08 5.70 25.29
C SER D 129 -0.86 7.21 25.26
N PRO D 130 0.39 7.72 25.40
CA PRO D 130 1.74 7.15 25.46
C PRO D 130 2.20 6.52 26.77
N ALA D 131 1.42 6.63 27.85
CA ALA D 131 1.80 5.98 29.09
C ALA D 131 1.90 4.51 28.76
N THR D 132 2.92 3.81 29.27
CA THR D 132 3.07 2.41 28.97
C THR D 132 2.51 1.47 30.04
N SER D 133 2.00 0.36 29.57
CA SER D 133 1.56 -0.74 30.39
C SER D 133 1.67 -1.99 29.48
N ILE D 134 1.62 -3.16 30.09
CA ILE D 134 1.57 -4.40 29.34
C ILE D 134 0.15 -4.97 29.34
N GLY D 135 -0.32 -5.39 28.17
CA GLY D 135 -1.64 -6.00 28.02
C GLY D 135 -1.59 -7.52 28.04
N ILE D 136 -2.59 -8.16 28.66
CA ILE D 136 -2.70 -9.59 28.75
C ILE D 136 -4.01 -10.00 28.10
N VAL D 137 -3.92 -10.90 27.12
CA VAL D 137 -5.07 -11.46 26.43
C VAL D 137 -5.13 -12.96 26.72
N ASP D 138 -6.31 -13.42 27.11
CA ASP D 138 -6.56 -14.80 27.39
C ASP D 138 -7.06 -15.44 26.11
N VAL D 139 -6.21 -16.26 25.51
CA VAL D 139 -6.48 -16.75 24.17
C VAL D 139 -7.74 -17.62 24.12
N ALA D 140 -7.85 -18.55 25.07
CA ALA D 140 -8.99 -19.49 25.17
C ALA D 140 -10.31 -18.72 25.30
N LYS D 141 -10.32 -17.79 26.23
CA LYS D 141 -11.53 -17.02 26.49
C LYS D 141 -11.80 -15.97 25.42
N GLY D 142 -10.74 -15.54 24.72
CA GLY D 142 -10.89 -14.50 23.71
C GLY D 142 -11.16 -13.16 24.37
N ASP D 143 -10.52 -12.94 25.51
CA ASP D 143 -10.71 -11.73 26.31
C ASP D 143 -9.42 -11.02 26.66
N TYR D 144 -9.52 -9.70 26.79
CA TYR D 144 -8.47 -8.91 27.38
C TYR D 144 -8.71 -8.97 28.88
N VAL D 145 -7.66 -9.31 29.60
CA VAL D 145 -7.72 -9.42 31.05
C VAL D 145 -7.62 -7.98 31.60
N GLU D 146 -6.42 -7.51 31.92
CA GLU D 146 -6.27 -6.11 32.32
C GLU D 146 -4.85 -5.64 32.15
N ASP D 147 -4.66 -4.33 32.29
CA ASP D 147 -3.39 -3.69 32.08
C ASP D 147 -2.48 -4.09 33.21
N VAL D 148 -1.23 -4.37 32.88
CA VAL D 148 -0.20 -4.51 33.88
C VAL D 148 0.38 -3.12 34.10
N THR D 149 -0.23 -2.42 35.06
CA THR D 149 0.15 -1.04 35.34
C THR D 149 1.51 -0.95 35.98
N ALA D 150 1.92 -2.03 36.66
CA ALA D 150 3.23 -2.08 37.35
C ALA D 150 4.37 -1.81 36.38
N ALA D 151 4.11 -2.05 35.08
CA ALA D 151 5.13 -1.90 34.04
C ALA D 151 5.26 -0.46 33.49
N ALA D 152 4.54 0.50 34.06
CA ALA D 152 4.67 1.88 33.58
C ALA D 152 6.12 2.32 33.57
N GLY D 153 6.56 3.00 32.53
CA GLY D 153 7.94 3.42 32.43
C GLY D 153 8.89 2.31 31.97
N CYS D 154 8.35 1.14 31.61
CA CYS D 154 9.16 0.04 31.07
C CYS D 154 8.80 -0.20 29.61
N TRP D 155 9.52 -1.10 28.96
CA TRP D 155 9.28 -1.38 27.56
C TRP D 155 9.69 -2.79 27.13
N SER D 156 8.76 -3.42 26.42
CA SER D 156 8.92 -4.70 25.76
C SER D 156 8.79 -5.89 26.70
N VAL D 157 8.53 -7.07 26.11
CA VAL D 157 8.21 -8.30 26.82
C VAL D 157 9.26 -9.37 26.52
N ILE D 158 9.90 -9.90 27.57
CA ILE D 158 10.85 -11.01 27.43
C ILE D 158 10.24 -12.16 28.24
N PRO D 159 9.63 -13.14 27.56
CA PRO D 159 9.09 -14.29 28.31
C PRO D 159 10.20 -15.08 28.96
N GLN D 160 9.89 -15.74 30.09
CA GLN D 160 10.87 -16.66 30.70
C GLN D 160 10.51 -18.05 30.24
N PRO D 161 11.36 -18.65 29.37
CA PRO D 161 11.04 -19.98 28.86
C PRO D 161 11.09 -21.14 29.87
N ASN D 162 11.53 -20.86 31.10
CA ASN D 162 11.59 -21.88 32.16
C ASN D 162 10.37 -21.87 33.10
N ARG D 163 9.41 -20.99 32.81
CA ARG D 163 8.19 -20.85 33.64
C ARG D 163 7.01 -20.70 32.71
N PRO D 164 5.82 -21.19 33.11
CA PRO D 164 4.66 -21.23 32.20
C PRO D 164 4.00 -19.88 31.91
N ARG D 165 4.02 -18.96 32.86
CA ARG D 165 3.34 -17.67 32.65
C ARG D 165 4.04 -16.50 33.34
N SER D 166 5.35 -16.45 33.12
CA SER D 166 6.17 -15.38 33.61
C SER D 166 6.91 -14.69 32.46
N PHE D 167 7.11 -13.38 32.60
CA PHE D 167 7.91 -12.62 31.65
C PHE D 167 8.53 -11.39 32.35
N MET D 168 9.50 -10.77 31.68
CA MET D 168 10.18 -9.61 32.17
C MET D 168 10.00 -8.43 31.20
N THR D 169 10.28 -7.23 31.72
CA THR D 169 10.34 -6.04 30.88
C THR D 169 11.48 -5.17 31.37
N ILE D 170 12.02 -4.36 30.47
CA ILE D 170 13.15 -3.52 30.76
C ILE D 170 12.62 -2.15 31.16
N CYS D 171 13.08 -1.62 32.30
CA CYS D 171 12.54 -0.38 32.84
C CYS D 171 13.50 0.82 32.82
N GLY D 172 12.96 2.03 33.02
CA GLY D 172 13.70 3.27 32.85
C GLY D 172 14.78 3.41 33.92
N ASP D 173 14.75 2.56 34.94
CA ASP D 173 15.81 2.60 35.97
C ASP D 173 16.99 1.72 35.60
N GLY D 174 16.89 1.07 34.45
CA GLY D 174 17.95 0.19 33.96
C GLY D 174 17.91 -1.20 34.55
N GLY D 175 16.83 -1.52 35.24
CA GLY D 175 16.60 -2.87 35.76
C GLY D 175 15.45 -3.54 35.01
N LEU D 176 15.14 -4.76 35.46
CA LEU D 176 14.11 -5.59 34.92
C LEU D 176 12.99 -5.83 35.92
N LEU D 177 11.77 -5.74 35.42
CA LEU D 177 10.58 -6.04 36.19
C LEU D 177 10.05 -7.37 35.70
N THR D 178 9.85 -8.31 36.64
CA THR D 178 9.37 -9.62 36.34
C THR D 178 7.93 -9.69 36.83
N ILE D 179 7.08 -10.22 35.99
CA ILE D 179 5.67 -10.40 36.26
C ILE D 179 5.33 -11.88 36.15
N ASN D 180 4.60 -12.39 37.15
CA ASN D 180 4.19 -13.76 37.20
C ASN D 180 2.68 -13.75 37.20
N LEU D 181 2.05 -14.37 36.20
CA LEU D 181 0.60 -14.27 36.06
C LEU D 181 -0.05 -15.45 36.78
N GLY D 182 -1.27 -15.23 37.29
CA GLY D 182 -2.12 -16.34 37.73
C GLY D 182 -2.78 -17.05 36.58
N GLU D 183 -3.50 -18.11 36.89
CA GLU D 183 -4.20 -18.86 35.87
C GLU D 183 -5.29 -18.03 35.18
N ASP D 184 -5.67 -16.92 35.78
CA ASP D 184 -6.67 -16.03 35.19
C ASP D 184 -6.04 -14.89 34.41
N GLY D 185 -4.72 -14.89 34.29
CA GLY D 185 -4.03 -13.87 33.52
C GLY D 185 -3.81 -12.58 34.27
N LYS D 186 -4.22 -12.51 35.55
CA LYS D 186 -3.91 -11.33 36.35
C LYS D 186 -2.54 -11.46 37.00
N VAL D 187 -1.99 -10.35 37.45
CA VAL D 187 -0.68 -10.35 38.06
C VAL D 187 -0.81 -11.07 39.40
N ALA D 188 -0.06 -12.15 39.60
CA ALA D 188 -0.07 -12.89 40.87
C ALA D 188 1.07 -12.45 41.81
N SER D 189 2.20 -12.12 41.23
CA SER D 189 3.33 -11.56 41.96
C SER D 189 4.28 -10.89 41.00
N GLN D 190 5.16 -10.06 41.55
CA GLN D 190 6.15 -9.38 40.70
C GLN D 190 7.43 -9.16 41.49
N SER D 191 8.53 -8.96 40.79
CA SER D 191 9.75 -8.53 41.43
C SER D 191 10.56 -7.66 40.51
N ARG D 192 11.44 -6.86 41.12
CA ARG D 192 12.28 -5.92 40.39
C ARG D 192 13.75 -6.18 40.67
N SER D 193 14.56 -6.26 39.62
CA SER D 193 15.99 -6.57 39.81
C SER D 193 16.72 -5.32 40.25
N LYS D 194 18.00 -5.52 40.61
CA LYS D 194 18.89 -4.39 40.78
C LYS D 194 19.16 -3.78 39.40
N GLN D 195 19.85 -2.67 39.37
CA GLN D 195 20.13 -1.99 38.11
C GLN D 195 21.08 -2.87 37.31
N MET D 196 20.73 -3.19 36.07
CA MET D 196 21.56 -4.01 35.20
C MET D 196 22.53 -3.16 34.40
N PHE D 197 22.01 -2.09 33.80
CA PHE D 197 22.78 -1.19 32.94
C PHE D 197 22.49 0.29 33.22
N SER D 198 23.44 1.17 32.86
CA SER D 198 23.23 2.59 32.97
C SER D 198 22.50 3.07 31.74
N VAL D 199 21.31 3.56 31.96
CA VAL D 199 20.50 4.10 30.89
C VAL D 199 21.22 5.27 30.22
N LYS D 200 21.91 6.12 30.99
CA LYS D 200 22.60 7.29 30.44
C LYS D 200 23.92 6.91 29.75
N ASP D 201 24.68 6.01 30.36
CA ASP D 201 26.06 5.77 29.92
C ASP D 201 26.27 4.56 29.04
N ASP D 202 25.38 3.58 29.10
CA ASP D 202 25.58 2.36 28.32
C ASP D 202 24.25 1.73 27.97
N PRO D 203 23.42 2.49 27.22
CA PRO D 203 22.11 1.93 26.94
C PRO D 203 22.18 0.63 26.15
N ILE D 204 21.33 -0.32 26.53
CA ILE D 204 21.19 -1.59 25.81
C ILE D 204 20.09 -1.60 24.71
N PHE D 205 20.29 -2.43 23.70
CA PHE D 205 19.24 -2.72 22.73
C PHE D 205 18.24 -3.63 23.42
N ILE D 206 16.95 -3.44 23.13
CA ILE D 206 15.93 -4.22 23.88
C ILE D 206 15.88 -5.70 23.46
N ALA D 207 16.39 -6.03 22.28
CA ALA D 207 16.28 -7.37 21.73
C ALA D 207 17.14 -8.32 22.60
N PRO D 208 16.52 -9.32 23.25
CA PRO D 208 17.29 -10.27 24.03
C PRO D 208 17.88 -11.37 23.16
N ALA D 209 19.05 -11.83 23.57
CA ALA D 209 19.56 -13.15 23.19
C ALA D 209 19.06 -14.14 24.26
N LEU D 210 17.98 -14.86 23.97
CA LEU D 210 17.21 -15.52 25.01
C LEU D 210 17.51 -17.02 25.14
N ASP D 211 18.03 -17.39 26.32
CA ASP D 211 18.17 -18.79 26.73
C ASP D 211 16.97 -19.27 27.55
N LYS D 212 16.97 -20.54 27.95
CA LYS D 212 15.85 -21.06 28.72
C LYS D 212 15.70 -20.43 30.10
N ASP D 213 16.81 -20.06 30.72
CA ASP D 213 16.84 -19.52 32.10
C ASP D 213 17.65 -18.23 32.24
N LYS D 214 18.04 -17.64 31.11
CA LYS D 214 18.78 -16.38 31.16
C LYS D 214 18.65 -15.64 29.84
N ALA D 215 18.91 -14.33 29.88
CA ALA D 215 18.84 -13.51 28.67
C ALA D 215 20.03 -12.57 28.65
N HIS D 216 20.64 -12.41 27.48
CA HIS D 216 21.75 -11.51 27.31
C HIS D 216 21.31 -10.33 26.44
N PHE D 217 21.94 -9.18 26.64
CA PHE D 217 21.60 -7.93 25.93
C PHE D 217 22.89 -7.26 25.52
N VAL D 218 22.94 -6.65 24.33
CA VAL D 218 24.13 -5.91 23.90
C VAL D 218 23.85 -4.41 23.99
N SER D 219 24.90 -3.62 24.13
CA SER D 219 24.75 -2.19 24.34
C SER D 219 25.19 -1.40 23.11
N TYR D 220 24.84 -0.12 23.12
CA TYR D 220 25.17 0.77 22.00
C TYR D 220 26.67 0.81 21.80
N TYR D 221 27.44 0.54 22.87
CA TYR D 221 28.91 0.59 22.84
C TYR D 221 29.58 -0.78 22.77
N GLY D 222 28.78 -1.83 22.54
CA GLY D 222 29.35 -3.16 22.32
C GLY D 222 29.65 -3.95 23.59
N ASN D 223 28.97 -3.62 24.70
CA ASN D 223 29.03 -4.40 25.95
C ASN D 223 27.88 -5.42 26.02
N VAL D 224 28.06 -6.44 26.83
CA VAL D 224 27.05 -7.45 27.03
C VAL D 224 26.61 -7.47 28.50
N TYR D 225 25.29 -7.48 28.71
CA TYR D 225 24.65 -7.60 30.04
C TYR D 225 23.81 -8.88 30.10
N SER D 226 23.64 -9.43 31.31
CA SER D 226 22.87 -10.68 31.49
C SER D 226 21.81 -10.51 32.60
N ALA D 227 20.67 -11.16 32.40
CA ALA D 227 19.64 -11.35 33.42
C ALA D 227 19.44 -12.85 33.58
N ASP D 228 19.87 -13.39 34.72
CA ASP D 228 19.70 -14.81 34.98
C ASP D 228 18.45 -15.02 35.80
N PHE D 229 17.49 -15.76 35.28
CA PHE D 229 16.22 -16.02 36.00
C PHE D 229 16.04 -17.49 36.31
N SER D 230 17.16 -18.17 36.62
CA SER D 230 17.12 -19.58 36.98
C SER D 230 16.63 -19.78 38.42
N GLY D 231 16.80 -18.76 39.24
CA GLY D 231 16.44 -18.82 40.67
C GLY D 231 15.19 -18.00 40.91
N ASP D 232 14.82 -17.78 42.18
CA ASP D 232 13.50 -17.17 42.42
C ASP D 232 13.44 -15.71 42.06
N GLU D 233 14.58 -15.03 42.03
CA GLU D 233 14.65 -13.63 41.64
C GLU D 233 15.81 -13.42 40.65
N VAL D 234 15.65 -12.41 39.82
CA VAL D 234 16.57 -12.22 38.70
C VAL D 234 17.91 -11.74 39.22
N LYS D 235 19.00 -12.31 38.71
CA LYS D 235 20.33 -11.84 39.04
C LYS D 235 20.92 -11.20 37.80
N VAL D 236 21.39 -9.96 37.94
CA VAL D 236 21.91 -9.22 36.78
C VAL D 236 23.42 -9.08 36.84
N ASP D 237 24.03 -8.93 35.67
CA ASP D 237 25.47 -8.80 35.60
C ASP D 237 25.86 -8.14 34.30
N GLY D 238 27.14 -7.78 34.23
CA GLY D 238 27.71 -7.05 33.10
C GLY D 238 28.16 -5.66 33.52
N PRO D 239 28.95 -5.00 32.66
CA PRO D 239 29.27 -5.44 31.30
C PRO D 239 30.46 -6.36 31.13
N TRP D 240 30.41 -7.15 30.06
CA TRP D 240 31.61 -7.61 29.37
C TRP D 240 31.61 -7.09 27.94
N SER D 241 32.79 -6.92 27.38
CA SER D 241 32.93 -6.33 26.05
C SER D 241 32.97 -7.36 24.92
N LEU D 242 32.22 -7.06 23.85
CA LEU D 242 32.28 -7.83 22.60
C LEU D 242 33.58 -7.65 21.85
N LEU D 243 34.37 -6.67 22.29
CA LEU D 243 35.39 -6.02 21.46
C LEU D 243 36.78 -6.35 22.01
N ASN D 244 37.67 -6.80 21.15
CA ASN D 244 39.11 -6.82 21.47
C ASN D 244 39.75 -5.48 21.13
N ASP D 245 41.05 -5.35 21.40
CA ASP D 245 41.71 -4.10 21.15
C ASP D 245 41.61 -3.63 19.70
N GLU D 246 41.76 -4.55 18.74
CA GLU D 246 41.71 -4.19 17.31
C GLU D 246 40.33 -3.68 16.98
N ASP D 247 39.34 -4.40 17.50
CA ASP D 247 37.92 -4.07 17.28
C ASP D 247 37.64 -2.67 17.82
N LYS D 248 38.11 -2.42 19.05
CA LYS D 248 37.91 -1.11 19.66
C LYS D 248 38.56 -0.01 18.83
N ALA D 249 39.75 -0.30 18.29
CA ALA D 249 40.49 0.72 17.54
C ALA D 249 39.71 1.12 16.27
N LYS D 250 38.90 0.20 15.73
CA LYS D 250 38.10 0.46 14.52
C LYS D 250 36.65 0.88 14.85
N ASN D 251 36.38 1.08 16.14
CA ASN D 251 35.06 1.56 16.60
C ASN D 251 33.90 0.66 16.17
N TRP D 252 34.11 -0.64 16.25
CA TRP D 252 33.06 -1.61 15.96
C TRP D 252 32.02 -1.55 17.10
N VAL D 253 30.73 -1.55 16.73
CA VAL D 253 29.63 -1.53 17.69
C VAL D 253 28.45 -2.28 17.09
N PRO D 254 27.46 -2.66 17.90
CA PRO D 254 26.31 -3.30 17.26
C PRO D 254 25.39 -2.34 16.55
N GLY D 255 24.58 -2.85 15.63
CA GLY D 255 23.56 -2.03 14.98
C GLY D 255 22.51 -2.93 14.38
N GLY D 256 21.26 -2.48 14.48
CA GLY D 256 20.13 -3.21 13.92
C GLY D 256 18.88 -3.05 14.75
N TYR D 257 17.92 -3.94 14.52
CA TYR D 257 16.60 -3.89 15.18
C TYR D 257 16.46 -5.16 16.02
N ASN D 258 15.98 -6.24 15.44
CA ASN D 258 16.01 -7.54 16.14
C ASN D 258 17.41 -8.07 15.86
N LEU D 259 18.38 -7.51 16.57
CA LEU D 259 19.78 -7.63 16.11
C LEU D 259 20.62 -8.71 16.74
N VAL D 260 20.04 -9.48 17.66
CA VAL D 260 20.77 -10.56 18.30
C VAL D 260 20.00 -11.85 18.26
N GLY D 261 20.70 -12.94 18.51
CA GLY D 261 20.08 -14.24 18.65
C GLY D 261 21.00 -15.12 19.48
N LEU D 262 20.45 -16.17 20.05
CA LEU D 262 21.24 -17.13 20.82
C LEU D 262 20.88 -18.51 20.32
N HIS D 263 21.89 -19.32 20.06
CA HIS D 263 21.74 -20.73 19.80
C HIS D 263 21.94 -21.41 21.18
N ARG D 264 20.86 -21.93 21.73
CA ARG D 264 20.83 -22.31 23.13
C ARG D 264 21.73 -23.47 23.44
N ALA D 265 21.74 -24.49 22.59
CA ALA D 265 22.53 -25.68 22.89
C ALA D 265 24.03 -25.42 22.97
N SER D 266 24.55 -24.51 22.14
CA SER D 266 25.99 -24.20 22.14
C SER D 266 26.33 -22.97 22.95
N GLY D 267 25.33 -22.17 23.32
CA GLY D 267 25.59 -20.85 23.91
C GLY D 267 26.20 -19.79 23.00
N ARG D 268 26.18 -20.02 21.69
CA ARG D 268 26.68 -19.00 20.76
C ARG D 268 25.67 -17.85 20.63
N MET D 269 26.15 -16.62 20.77
CA MET D 269 25.31 -15.41 20.53
C MET D 269 25.72 -14.77 19.20
N TYR D 270 24.71 -14.38 18.41
CA TYR D 270 24.89 -13.79 17.08
C TYR D 270 24.52 -12.35 17.20
N VAL D 271 25.34 -11.47 16.64
CA VAL D 271 25.15 -10.02 16.74
C VAL D 271 25.56 -9.30 15.45
N PHE D 272 24.70 -8.42 14.99
CA PHE D 272 25.06 -7.56 13.86
C PHE D 272 25.93 -6.43 14.32
N MET D 273 27.05 -6.26 13.62
CA MET D 273 28.07 -5.28 14.00
C MET D 273 28.49 -4.41 12.80
N HIS D 274 28.95 -3.18 13.09
CA HIS D 274 29.53 -2.32 12.03
C HIS D 274 30.69 -1.50 12.60
N PRO D 275 31.64 -1.13 11.74
CA PRO D 275 32.76 -0.29 12.15
C PRO D 275 32.36 1.18 12.26
N ASP D 276 33.29 2.04 12.69
CA ASP D 276 33.13 3.50 12.65
C ASP D 276 31.90 3.94 13.43
N GLY D 277 31.66 3.26 14.53
CA GLY D 277 30.52 3.54 15.37
C GLY D 277 30.66 4.90 16.01
N LYS D 278 29.54 5.58 16.18
CA LYS D 278 29.49 6.85 16.90
C LYS D 278 28.00 7.13 17.20
N GLU D 279 27.76 8.22 17.93
CA GLU D 279 26.39 8.60 18.26
C GLU D 279 25.56 8.66 16.98
N GLY D 280 24.46 7.90 16.94
CA GLY D 280 23.58 7.85 15.77
C GLY D 280 23.68 6.63 14.87
N THR D 281 24.59 5.69 15.17
CA THR D 281 24.80 4.56 14.26
C THR D 281 24.16 3.27 14.73
N HIS D 282 23.32 3.33 15.78
CA HIS D 282 22.82 2.12 16.40
C HIS D 282 21.84 1.36 15.55
N LYS D 283 21.35 1.95 14.46
CA LYS D 283 20.41 1.20 13.62
C LYS D 283 20.99 0.93 12.21
N PHE D 284 22.30 1.10 12.07
CA PHE D 284 22.97 0.84 10.80
C PHE D 284 22.95 -0.63 10.47
N PRO D 285 22.84 -0.92 9.19
CA PRO D 285 22.92 -2.30 8.70
C PRO D 285 24.23 -2.96 9.12
N ALA D 286 24.21 -4.28 9.22
CA ALA D 286 25.36 -5.07 9.61
C ALA D 286 26.44 -5.03 8.52
N ALA D 287 27.61 -4.51 8.86
CA ALA D 287 28.81 -4.85 8.03
C ALA D 287 29.18 -6.31 8.21
N GLU D 288 29.03 -6.83 9.45
CA GLU D 288 29.36 -8.22 9.74
C GLU D 288 28.36 -8.80 10.73
N ILE D 289 28.28 -10.14 10.76
CA ILE D 289 27.63 -10.84 11.86
C ILE D 289 28.79 -11.41 12.68
N TRP D 290 28.78 -11.20 14.00
CA TRP D 290 29.80 -11.79 14.90
C TRP D 290 29.12 -12.89 15.65
N VAL D 291 29.86 -13.95 15.88
CA VAL D 291 29.37 -15.09 16.63
C VAL D 291 30.25 -15.16 17.89
N MET D 292 29.63 -15.03 19.06
CA MET D 292 30.36 -15.00 20.35
C MET D 292 30.04 -16.26 21.15
N ASP D 293 31.05 -16.78 21.85
CA ASP D 293 30.80 -17.83 22.82
C ASP D 293 30.49 -17.12 24.14
N THR D 294 29.27 -17.27 24.62
CA THR D 294 28.85 -16.55 25.85
C THR D 294 29.46 -17.14 27.13
N LYS D 295 30.05 -18.33 27.04
CA LYS D 295 30.74 -18.98 28.16
C LYS D 295 32.16 -18.46 28.24
N THR D 296 32.89 -18.50 27.14
CA THR D 296 34.28 -17.98 27.14
C THR D 296 34.38 -16.47 26.94
N LYS D 297 33.28 -15.84 26.51
CA LYS D 297 33.25 -14.40 26.26
C LYS D 297 34.25 -13.98 25.16
N GLN D 298 34.47 -14.91 24.22
CA GLN D 298 35.32 -14.74 23.05
C GLN D 298 34.50 -14.77 21.78
N ARG D 299 34.91 -14.00 20.77
CA ARG D 299 34.35 -14.15 19.44
C ARG D 299 34.90 -15.40 18.79
N VAL D 300 34.02 -16.21 18.19
CA VAL D 300 34.44 -17.46 17.53
C VAL D 300 34.27 -17.47 15.99
N ALA D 301 33.56 -16.49 15.44
CA ALA D 301 33.45 -16.28 14.00
C ALA D 301 33.00 -14.86 13.66
N ARG D 302 33.37 -14.40 12.47
CA ARG D 302 32.82 -13.16 11.89
C ARG D 302 32.61 -13.40 10.39
N ILE D 303 31.44 -13.02 9.90
CA ILE D 303 31.10 -13.24 8.49
C ILE D 303 30.45 -11.94 7.92
N PRO D 304 30.45 -11.78 6.60
CA PRO D 304 29.81 -10.61 5.98
C PRO D 304 28.34 -10.46 6.42
N GLY D 305 27.91 -9.24 6.69
CA GLY D 305 26.56 -9.03 7.21
C GLY D 305 25.46 -8.92 6.17
N ARG D 306 25.83 -8.74 4.89
CA ARG D 306 24.83 -8.60 3.84
C ARG D 306 23.79 -7.49 4.12
N ASP D 307 24.24 -6.42 4.78
CA ASP D 307 23.39 -5.28 5.16
C ASP D 307 22.15 -5.65 5.98
N ALA D 308 22.26 -6.78 6.68
CA ALA D 308 21.15 -7.26 7.53
C ALA D 308 20.89 -6.31 8.69
N LEU D 309 19.62 -6.29 9.08
CA LEU D 309 19.10 -5.42 10.16
C LEU D 309 18.41 -6.21 11.29
N SER D 310 17.81 -7.35 10.95
CA SER D 310 17.11 -8.24 11.88
C SER D 310 17.37 -9.71 11.60
N MET D 311 17.26 -10.54 12.63
CA MET D 311 17.50 -11.98 12.52
C MET D 311 16.53 -12.72 13.39
N THR D 312 16.56 -14.04 13.23
CA THR D 312 15.87 -14.95 14.11
C THR D 312 16.62 -16.29 14.06
N ILE D 313 16.50 -17.06 15.13
CA ILE D 313 17.19 -18.34 15.27
C ILE D 313 16.19 -19.48 15.46
N ASP D 314 16.46 -20.62 14.83
CA ASP D 314 15.61 -21.79 15.05
C ASP D 314 16.50 -22.81 15.77
N GLN D 315 16.12 -23.15 17.00
CA GLN D 315 16.90 -24.08 17.81
C GLN D 315 16.72 -25.53 17.33
N GLN D 316 15.57 -25.87 16.73
CA GLN D 316 15.27 -27.28 16.40
C GLN D 316 15.99 -27.71 15.12
N ARG D 317 16.26 -26.76 14.23
CA ARG D 317 16.98 -27.04 12.95
C ARG D 317 18.36 -26.37 12.87
N ASN D 318 18.76 -25.64 13.92
CA ASN D 318 20.06 -24.98 13.94
C ASN D 318 20.31 -24.02 12.78
N LEU D 319 19.39 -23.07 12.67
CA LEU D 319 19.38 -22.11 11.56
C LEU D 319 19.32 -20.71 12.09
N MET D 320 19.86 -19.79 11.29
CA MET D 320 19.66 -18.35 11.49
C MET D 320 19.14 -17.75 10.19
N LEU D 321 18.10 -16.94 10.31
CA LEU D 321 17.60 -16.12 9.19
C LEU D 321 18.05 -14.71 9.43
N THR D 322 18.50 -14.03 8.37
CA THR D 322 18.75 -12.61 8.48
C THR D 322 17.94 -11.88 7.43
N LEU D 323 17.75 -10.59 7.67
CA LEU D 323 16.81 -9.82 6.88
C LEU D 323 17.27 -8.37 6.75
N ASP D 324 17.35 -7.86 5.53
CA ASP D 324 17.88 -6.52 5.27
C ASP D 324 16.80 -5.46 5.01
N GLY D 325 15.55 -5.85 5.20
CA GLY D 325 14.39 -4.99 4.87
C GLY D 325 13.56 -5.58 3.73
N GLY D 326 14.21 -6.30 2.80
CA GLY D 326 13.54 -6.88 1.66
C GLY D 326 13.83 -8.33 1.37
N ASN D 327 15.07 -8.78 1.63
CA ASN D 327 15.59 -10.10 1.26
C ASN D 327 15.92 -10.88 2.53
N VAL D 328 15.69 -12.20 2.50
CA VAL D 328 15.96 -13.07 3.67
C VAL D 328 17.09 -14.06 3.34
N ASN D 329 18.13 -14.06 4.18
CA ASN D 329 19.27 -14.93 4.01
C ASN D 329 19.07 -16.07 4.98
N VAL D 330 19.30 -17.29 4.53
CA VAL D 330 19.16 -18.49 5.33
C VAL D 330 20.55 -19.06 5.65
N TYR D 331 20.86 -19.23 6.94
CA TYR D 331 22.16 -19.71 7.35
C TYR D 331 22.05 -21.00 8.17
N ASP D 332 22.97 -21.93 7.89
CA ASP D 332 23.20 -23.12 8.74
C ASP D 332 24.11 -22.70 9.87
N ILE D 333 23.66 -22.80 11.12
CA ILE D 333 24.52 -22.43 12.25
C ILE D 333 24.90 -23.59 13.20
N SER D 334 24.89 -24.82 12.66
CA SER D 334 25.26 -26.02 13.39
C SER D 334 26.74 -26.09 13.76
N GLN D 335 27.58 -25.26 13.13
CA GLN D 335 28.98 -25.06 13.51
C GLN D 335 29.24 -23.57 13.79
N PRO D 336 30.33 -23.26 14.51
CA PRO D 336 30.63 -21.88 14.89
C PRO D 336 30.56 -20.87 13.74
N GLU D 337 31.14 -21.22 12.60
CA GLU D 337 31.02 -20.37 11.43
C GLU D 337 29.71 -20.63 10.70
N PRO D 338 28.83 -19.59 10.64
CA PRO D 338 27.60 -19.82 9.88
C PRO D 338 27.92 -20.06 8.40
N LYS D 339 27.06 -20.85 7.73
CA LYS D 339 27.18 -21.12 6.29
C LYS D 339 25.89 -20.62 5.60
N LEU D 340 26.08 -19.79 4.58
CA LEU D 340 24.97 -19.24 3.83
C LEU D 340 24.46 -20.23 2.82
N LEU D 341 23.19 -20.61 2.96
CA LEU D 341 22.53 -21.58 2.09
C LEU D 341 21.83 -20.97 0.86
N ARG D 342 21.18 -19.82 1.04
CA ARG D 342 20.49 -19.12 -0.05
C ARG D 342 19.97 -17.76 0.43
N THR D 343 19.58 -16.94 -0.54
CA THR D 343 18.89 -15.69 -0.23
C THR D 343 17.56 -15.68 -0.99
N ILE D 344 16.50 -15.31 -0.26
CA ILE D 344 15.15 -15.18 -0.81
C ILE D 344 15.01 -13.69 -1.11
N GLU D 345 15.04 -13.36 -2.40
CA GLU D 345 14.92 -11.95 -2.81
C GLU D 345 13.48 -11.49 -2.89
N GLY D 346 13.25 -10.27 -2.41
CA GLY D 346 11.95 -9.65 -2.54
C GLY D 346 10.86 -10.29 -1.71
N ALA D 347 11.24 -10.78 -0.52
CA ALA D 347 10.29 -11.31 0.47
C ALA D 347 9.36 -10.21 1.07
N ALA D 348 9.81 -8.98 1.02
CA ALA D 348 9.02 -7.86 1.59
C ALA D 348 9.51 -6.59 1.00
N GLU D 349 8.70 -5.53 1.13
CA GLU D 349 9.11 -4.19 0.74
C GLU D 349 9.78 -3.49 1.93
N ALA D 350 9.28 -3.72 3.14
CA ALA D 350 9.79 -3.05 4.32
C ALA D 350 9.50 -3.89 5.56
N SER D 351 10.32 -4.90 5.78
CA SER D 351 10.17 -5.79 6.94
C SER D 351 11.38 -5.67 7.83
N LEU D 352 11.15 -5.57 9.13
CA LEU D 352 12.23 -5.64 10.08
C LEU D 352 12.05 -6.87 10.98
N GLN D 353 11.20 -7.82 10.57
CA GLN D 353 10.98 -9.03 11.40
C GLN D 353 10.63 -10.28 10.58
N VAL D 354 11.40 -11.33 10.79
CA VAL D 354 11.11 -12.64 10.23
C VAL D 354 11.10 -13.66 11.39
N GLN D 355 10.23 -14.66 11.31
CA GLN D 355 10.11 -15.68 12.34
C GLN D 355 9.84 -17.06 11.70
N PHE D 356 10.41 -18.11 12.28
CA PHE D 356 10.09 -19.48 11.83
C PHE D 356 8.73 -19.97 12.32
N HIS D 357 8.07 -20.80 11.54
CA HIS D 357 6.96 -21.57 12.09
C HIS D 357 7.54 -22.55 13.11
N PRO D 358 7.01 -22.54 14.33
CA PRO D 358 7.56 -23.40 15.35
C PRO D 358 7.44 -24.89 15.03
N VAL D 359 8.52 -25.59 15.37
CA VAL D 359 8.53 -27.04 15.37
C VAL D 359 8.94 -27.49 16.77
N GLY D 360 8.19 -28.42 17.36
CA GLY D 360 8.55 -28.89 18.70
C GLY D 360 8.64 -27.75 19.71
N GLY D 361 9.67 -27.77 20.55
CA GLY D 361 9.94 -26.70 21.51
C GLY D 361 9.35 -26.92 22.89
N THR D 362 8.65 -28.04 23.12
CA THR D 362 8.19 -28.35 24.49
C THR D 362 9.38 -28.49 25.46
O1 TSR E . 7.27 10.30 12.69
O1 TSR E . 5.92 8.44 14.32
CA TSR E . 7.47 9.11 12.85
CA TSR E . 6.84 8.60 13.53
N TSR E . 7.88 8.80 14.06
N TSR E . 7.73 9.59 13.73
CB TSR E . 7.29 8.07 11.75
CB TSR E . 7.07 7.74 12.31
CG TSR E . 7.32 6.60 12.08
CG TSR E . 7.13 6.26 12.59
CD1 TSR E . 8.53 5.92 12.15
CD1 TSR E . 8.34 5.65 12.90
NE1 TSR E . 8.30 4.63 12.46
NE1 TSR E . 8.13 4.33 13.09
CE2 TSR E . 6.97 4.45 12.60
CE2 TSR E . 6.80 4.08 12.90
CD2 TSR E . 6.33 5.66 12.37
CD2 TSR E . 6.15 5.27 12.59
CZ2 TSR E . 6.22 3.31 12.92
CZ2 TSR E . 6.05 2.92 12.98
CH2 TSR E . 4.84 3.40 13.01
CH2 TSR E . 4.68 2.94 12.75
CZ3 TSR E . 4.20 4.63 12.78
CZ3 TSR E . 4.03 4.14 12.43
CE3 TSR E . 4.94 5.77 12.46
CE3 TSR E . 4.78 5.31 12.35
O1 TSR F . -9.97 -8.43 -11.57
CA TSR F . -8.91 -8.27 -12.14
N TSR F . -8.69 -8.93 -13.30
CB TSR F . -7.76 -7.39 -11.69
CG TSR F . -8.05 -5.93 -11.76
CD1 TSR F . -7.76 -5.26 -12.93
NE1 TSR F . -8.09 -3.99 -12.79
CE2 TSR F . -8.60 -3.76 -11.57
CD2 TSR F . -8.60 -4.98 -10.87
CZ2 TSR F . -9.08 -2.60 -10.98
CH2 TSR F . -9.56 -2.64 -9.67
CZ3 TSR F . -9.56 -3.85 -8.97
CE3 TSR F . -9.07 -5.03 -9.56
#